data_2AN6
#
_entry.id   2AN6
#
_cell.length_a   63.300
_cell.length_b   100.000
_cell.length_c   103.400
_cell.angle_alpha   90.00
_cell.angle_beta   104.30
_cell.angle_gamma   90.00
#
_symmetry.space_group_name_H-M   'P 1 21 1'
#
loop_
_entity.id
_entity.type
_entity.pdbx_description
1 polymer 'Ubiquitin ligase SIAH1A'
2 polymer 'peptide from Phyllopod'
3 non-polymer 'ZINC ION'
#
loop_
_entity_poly.entity_id
_entity_poly.type
_entity_poly.pdbx_seq_one_letter_code
_entity_poly.pdbx_strand_id
1 'polypeptide(L)'
;NSVLFPCKYASSGCEITLPHTEKAEHEELCEFRPYSCPCPGASCKWQGSLDAVMPHLMHQHKSITTLQGEDIVFLATDIN
LPGAVDWVMMQSCFGFHFMLVLEKQEKYDGHQQFFAIVQLIGTRKQAENFAYRLELNGHRRRLTWEATPRSIHEGIATAI
MNSDCLVFDTSIAQLFAENGNLGINVTISMC
;
A,B,C,D
2 'polypeptide(L)' LQQERTKLRPVAMVRPTVRVQPQL E,F,G,H
#
# COMPACT_ATOMS: atom_id res chain seq x y z
N ASN A 1 -18.83 36.61 -9.10
CA ASN A 1 -19.99 35.74 -8.74
C ASN A 1 -19.61 34.56 -7.82
N SER A 2 -18.36 34.55 -7.38
CA SER A 2 -17.91 33.57 -6.41
C SER A 2 -18.48 33.85 -5.01
N VAL A 3 -18.35 32.85 -4.15
CA VAL A 3 -18.53 33.01 -2.73
C VAL A 3 -17.11 32.99 -2.19
N LEU A 4 -16.79 33.90 -1.27
CA LEU A 4 -15.51 33.86 -0.56
C LEU A 4 -15.65 33.69 0.93
N PHE A 5 -14.63 33.12 1.55
CA PHE A 5 -14.68 32.67 2.91
C PHE A 5 -13.46 33.13 3.62
N PRO A 6 -13.59 33.49 4.89
CA PRO A 6 -12.49 34.05 5.66
C PRO A 6 -11.39 33.04 5.83
N CYS A 7 -10.14 33.45 5.65
CA CYS A 7 -8.98 32.61 6.05
C CYS A 7 -9.29 31.86 7.35
N LYS A 8 -8.75 30.64 7.51
CA LYS A 8 -8.89 29.93 8.78
C LYS A 8 -8.51 30.87 9.92
N TYR A 9 -7.22 31.18 10.02
CA TYR A 9 -6.66 31.94 11.15
C TYR A 9 -7.26 33.30 11.45
N ALA A 10 -8.16 33.79 10.60
CA ALA A 10 -8.73 35.13 10.80
C ALA A 10 -9.11 35.40 12.28
N SER A 11 -9.51 34.34 13.00
CA SER A 11 -9.77 34.42 14.46
C SER A 11 -8.51 34.85 15.22
N SER A 12 -7.38 34.90 14.48
CA SER A 12 -6.16 35.58 14.93
C SER A 12 -5.97 36.91 14.18
N GLY A 13 -7.06 37.58 13.81
CA GLY A 13 -6.96 38.87 13.13
C GLY A 13 -6.44 38.81 11.69
N CYS A 14 -6.71 37.72 10.98
CA CYS A 14 -6.51 37.72 9.53
C CYS A 14 -7.76 38.32 8.94
N GLU A 15 -7.62 39.22 7.96
CA GLU A 15 -8.78 39.91 7.39
C GLU A 15 -9.02 39.57 5.93
N ILE A 16 -8.71 38.33 5.54
CA ILE A 16 -8.74 37.95 4.13
C ILE A 16 -9.89 36.97 3.84
N THR A 17 -10.53 37.14 2.67
CA THR A 17 -11.68 36.32 2.26
C THR A 17 -11.51 35.93 0.82
N LEU A 18 -11.52 34.62 0.57
CA LEU A 18 -11.05 34.04 -0.67
C LEU A 18 -11.86 32.84 -1.11
N PRO A 19 -12.05 32.69 -2.42
CA PRO A 19 -12.87 31.60 -2.91
C PRO A 19 -12.18 30.34 -2.49
N HIS A 20 -12.95 29.28 -2.23
CA HIS A 20 -12.36 28.07 -1.67
C HIS A 20 -11.28 27.49 -2.57
N THR A 21 -11.47 27.62 -3.88
CA THR A 21 -10.46 27.19 -4.88
C THR A 21 -9.06 27.71 -4.53
N GLU A 22 -9.00 28.82 -3.80
CA GLU A 22 -7.75 29.53 -3.49
C GLU A 22 -7.39 29.65 -2.00
N LYS A 23 -8.20 29.06 -1.12
CA LYS A 23 -8.05 29.37 0.31
C LYS A 23 -6.88 28.63 0.97
N ALA A 24 -6.55 27.47 0.40
CA ALA A 24 -5.34 26.78 0.75
C ALA A 24 -4.12 27.63 0.43
N GLU A 25 -3.86 27.84 -0.86
CA GLU A 25 -2.73 28.65 -1.36
C GLU A 25 -2.30 29.74 -0.41
N HIS A 26 -3.27 30.54 0.01
CA HIS A 26 -2.99 31.59 0.97
C HIS A 26 -2.94 31.05 2.42
N GLU A 27 -3.88 30.20 2.81
CA GLU A 27 -3.88 29.66 4.20
C GLU A 27 -2.52 29.12 4.64
N GLU A 28 -1.75 28.66 3.67
CA GLU A 28 -0.41 28.17 3.91
C GLU A 28 0.56 29.29 4.24
N LEU A 29 0.57 30.34 3.41
CA LEU A 29 1.49 31.49 3.54
C LEU A 29 0.95 32.59 4.44
N CYS A 30 -0.33 32.48 4.79
CA CYS A 30 -0.99 33.44 5.68
C CYS A 30 -0.05 33.65 6.85
N GLU A 31 0.47 34.87 6.97
CA GLU A 31 1.47 35.15 8.00
C GLU A 31 0.91 35.10 9.42
N PHE A 32 -0.37 34.75 9.52
CA PHE A 32 -1.01 34.60 10.84
C PHE A 32 -1.01 33.17 11.31
N ARG A 33 -0.51 32.26 10.48
CA ARG A 33 -0.38 30.89 10.88
C ARG A 33 0.63 30.70 12.01
N PRO A 34 0.16 30.12 13.14
CA PRO A 34 0.97 29.92 14.33
C PRO A 34 1.61 28.55 14.33
N TYR A 35 2.90 28.50 14.61
CA TYR A 35 3.64 27.23 14.66
C TYR A 35 3.95 26.68 16.09
N SER A 36 4.02 25.35 16.21
CA SER A 36 4.44 24.71 17.45
C SER A 36 5.97 24.75 17.58
N CYS A 37 6.56 23.94 18.45
CA CYS A 37 8.00 23.99 18.62
C CYS A 37 8.64 22.83 17.93
N PRO A 38 9.42 23.10 16.87
CA PRO A 38 9.99 22.11 15.94
C PRO A 38 10.87 21.07 16.61
N CYS A 39 11.40 21.43 17.77
CA CYS A 39 12.32 20.61 18.54
C CYS A 39 11.66 19.34 19.01
N PRO A 40 12.13 18.18 18.52
CA PRO A 40 11.54 16.88 18.86
C PRO A 40 11.44 16.57 20.38
N GLY A 41 10.23 16.21 20.81
CA GLY A 41 9.89 16.13 22.24
C GLY A 41 8.95 17.23 22.71
N ALA A 42 7.82 16.83 23.33
CA ALA A 42 6.76 17.75 23.81
C ALA A 42 7.19 18.71 24.93
N SER A 43 8.51 18.79 25.14
CA SER A 43 9.15 19.62 26.14
C SER A 43 8.62 21.04 26.09
N CYS A 44 8.99 21.75 25.02
CA CYS A 44 8.61 23.15 24.84
C CYS A 44 7.18 23.30 24.36
N LYS A 45 6.54 24.37 24.78
CA LYS A 45 5.19 24.65 24.36
C LYS A 45 5.08 26.05 23.75
N TRP A 46 6.19 26.57 23.23
CA TRP A 46 6.20 27.87 22.56
C TRP A 46 5.30 27.84 21.33
N GLN A 47 4.89 29.00 20.89
CA GLN A 47 4.08 29.16 19.68
C GLN A 47 4.17 30.59 19.17
N GLY A 48 4.43 30.73 17.87
CA GLY A 48 4.61 32.06 17.31
C GLY A 48 4.63 31.99 15.80
N SER A 49 4.92 33.12 15.19
CA SER A 49 4.85 33.25 13.75
C SER A 49 6.09 32.61 13.17
N LEU A 50 5.97 32.14 11.94
CA LEU A 50 7.12 31.56 11.26
C LEU A 50 8.40 32.28 11.63
N ASP A 51 8.35 33.61 11.54
CA ASP A 51 9.52 34.42 11.69
C ASP A 51 10.11 34.40 13.07
N ALA A 52 9.27 34.07 14.04
CA ALA A 52 9.70 33.99 15.42
C ALA A 52 10.26 32.63 15.73
N VAL A 53 10.30 31.76 14.73
CA VAL A 53 10.66 30.36 14.99
C VAL A 53 12.16 30.17 15.09
N MET A 54 12.89 30.80 14.18
CA MET A 54 14.33 30.64 14.19
C MET A 54 15.00 31.37 15.35
N PRO A 55 14.47 32.53 15.76
CA PRO A 55 15.01 33.12 16.97
C PRO A 55 14.67 32.24 18.18
N HIS A 56 13.41 31.83 18.31
CA HIS A 56 13.04 30.96 19.40
C HIS A 56 14.00 29.79 19.59
N LEU A 57 14.47 29.22 18.49
CA LEU A 57 15.30 28.02 18.55
C LEU A 57 16.67 28.36 19.08
N MET A 58 17.17 29.51 18.65
CA MET A 58 18.49 29.98 19.03
C MET A 58 18.44 30.81 20.29
N HIS A 59 17.29 30.78 20.97
CA HIS A 59 17.16 31.40 22.29
C HIS A 59 16.97 30.39 23.41
N GLN A 60 15.91 29.61 23.36
CA GLN A 60 15.63 28.69 24.45
C GLN A 60 16.29 27.32 24.27
N HIS A 61 16.65 26.99 23.03
CA HIS A 61 17.33 25.73 22.75
C HIS A 61 18.76 25.94 22.21
N LYS A 62 19.72 26.05 23.12
CA LYS A 62 21.13 26.20 22.71
C LYS A 62 21.89 24.88 22.72
N SER A 63 21.24 23.79 23.14
CA SER A 63 21.83 22.45 23.02
C SER A 63 22.05 22.17 21.54
N ILE A 64 21.08 22.58 20.72
CA ILE A 64 21.13 22.42 19.26
C ILE A 64 22.36 23.05 18.60
N THR A 65 23.23 22.18 18.14
CA THR A 65 24.39 22.53 17.37
C THR A 65 23.95 23.13 16.04
N THR A 66 24.77 24.01 15.46
CA THR A 66 24.44 24.52 14.12
C THR A 66 25.59 24.38 13.13
N LEU A 67 25.26 24.34 11.84
CA LEU A 67 26.32 24.43 10.84
C LEU A 67 25.94 25.22 9.59
N GLN A 68 26.86 26.08 9.15
CA GLN A 68 26.78 26.63 7.80
C GLN A 68 27.38 25.55 6.97
N GLY A 69 26.67 25.14 5.91
CA GLY A 69 27.28 24.35 4.81
C GLY A 69 26.19 23.75 3.92
N GLU A 70 26.55 23.28 2.73
CA GLU A 70 25.54 22.78 1.82
C GLU A 70 25.73 21.34 1.84
N ASP A 71 26.95 20.94 2.19
CA ASP A 71 27.27 19.54 2.53
C ASP A 71 27.96 19.36 3.90
N ILE A 72 27.40 18.54 4.75
CA ILE A 72 28.06 18.27 6.04
C ILE A 72 28.10 16.82 6.36
N VAL A 73 28.69 16.56 7.51
CA VAL A 73 28.45 15.27 8.19
C VAL A 73 27.68 15.43 9.49
N PHE A 74 26.54 14.81 9.54
CA PHE A 74 25.77 14.78 10.81
C PHE A 74 26.20 13.51 11.51
N LEU A 75 26.98 13.64 12.59
CA LEU A 75 27.66 12.49 13.25
C LEU A 75 26.98 12.00 14.57
N ALA A 76 26.08 11.06 14.41
CA ALA A 76 25.25 10.72 15.52
C ALA A 76 26.04 9.84 16.47
N THR A 77 26.31 10.42 17.63
CA THR A 77 27.38 9.97 18.51
C THR A 77 26.83 9.00 19.48
N ASP A 78 27.60 7.94 19.75
CA ASP A 78 27.23 6.89 20.73
C ASP A 78 25.88 6.28 20.40
N ILE A 79 25.89 5.56 19.28
CA ILE A 79 24.71 4.98 18.65
C ILE A 79 23.99 3.89 19.45
N ASN A 80 24.74 3.18 20.30
CA ASN A 80 24.21 1.99 20.93
C ASN A 80 23.48 2.17 22.28
N LEU A 81 23.46 3.37 22.83
CA LEU A 81 22.60 3.59 23.97
C LEU A 81 21.30 2.78 23.81
N PRO A 82 20.94 1.99 24.84
CA PRO A 82 19.74 1.13 24.85
C PRO A 82 18.48 1.98 25.08
N GLY A 83 17.42 1.68 24.33
CA GLY A 83 16.17 2.44 24.42
C GLY A 83 15.93 3.46 23.30
N ALA A 84 15.10 4.47 23.60
CA ALA A 84 14.79 5.51 22.65
C ALA A 84 15.86 6.52 22.76
N VAL A 85 16.26 7.12 21.64
CA VAL A 85 17.23 8.20 21.65
C VAL A 85 16.90 9.16 20.53
N ASP A 86 17.57 10.32 20.51
CA ASP A 86 17.36 11.36 19.51
C ASP A 86 18.58 12.21 19.37
N TRP A 87 19.13 12.23 18.16
CA TRP A 87 20.09 13.27 17.78
C TRP A 87 19.36 14.32 16.99
N VAL A 88 19.84 15.55 17.08
CA VAL A 88 19.25 16.71 16.39
C VAL A 88 20.31 17.75 16.21
N MET A 89 20.38 18.35 15.04
CA MET A 89 21.32 19.44 14.82
C MET A 89 20.71 20.28 13.75
N MET A 90 21.39 21.32 13.28
CA MET A 90 20.78 22.21 12.30
C MET A 90 21.67 22.56 11.19
N GLN A 91 21.10 22.79 10.03
CA GLN A 91 21.95 23.12 8.92
C GLN A 91 21.44 24.29 8.17
N SER A 92 22.17 25.38 8.31
CA SER A 92 21.92 26.60 7.60
C SER A 92 22.57 26.57 6.23
N CYS A 93 21.86 27.13 5.27
CA CYS A 93 22.39 27.37 3.96
C CYS A 93 21.22 27.87 3.13
N PHE A 94 21.56 28.45 1.98
CA PHE A 94 20.58 29.02 1.07
C PHE A 94 19.60 29.93 1.80
N GLY A 95 20.11 30.67 2.77
CA GLY A 95 19.27 31.61 3.45
C GLY A 95 18.20 30.85 4.19
N PHE A 96 18.36 29.55 4.38
CA PHE A 96 17.38 28.84 5.18
C PHE A 96 18.00 27.95 6.23
N HIS A 97 17.17 27.49 7.15
CA HIS A 97 17.63 26.63 8.20
C HIS A 97 16.91 25.35 8.14
N PHE A 98 17.64 24.26 8.03
CA PHE A 98 17.03 22.94 7.94
C PHE A 98 17.35 22.16 9.16
N MET A 99 16.47 21.28 9.58
CA MET A 99 16.70 20.61 10.83
C MET A 99 16.79 19.12 10.72
N LEU A 100 17.93 18.54 11.08
CA LEU A 100 18.14 17.10 10.81
C LEU A 100 17.87 16.27 12.03
N VAL A 101 17.15 15.18 11.87
CA VAL A 101 16.80 14.41 13.03
C VAL A 101 17.07 12.96 12.80
N LEU A 102 18.05 12.42 13.50
CA LEU A 102 18.15 10.98 13.62
C LEU A 102 17.29 10.62 14.82
N GLU A 103 16.66 9.45 14.80
CA GLU A 103 15.78 9.05 15.90
C GLU A 103 15.64 7.55 16.01
N LYS A 104 16.00 7.02 17.17
CA LYS A 104 15.92 5.60 17.44
C LYS A 104 14.62 5.37 18.15
N GLN A 105 13.97 4.25 17.86
CA GLN A 105 12.61 4.06 18.24
C GLN A 105 12.40 2.58 18.31
N GLU A 106 11.96 2.12 19.46
CA GLU A 106 11.86 0.69 19.66
C GLU A 106 10.43 0.20 19.50
N LYS A 107 9.65 0.92 18.69
CA LYS A 107 8.18 0.83 18.66
C LYS A 107 7.53 -0.56 18.53
N TYR A 108 8.30 -1.55 18.11
CA TYR A 108 7.83 -2.94 18.06
C TYR A 108 8.85 -3.79 18.78
N ASP A 109 8.50 -4.21 20.00
CA ASP A 109 9.43 -4.92 20.89
C ASP A 109 10.46 -5.73 20.13
N GLY A 110 11.73 -5.58 20.51
CA GLY A 110 12.84 -6.35 19.94
C GLY A 110 13.35 -5.89 18.58
N HIS A 111 12.49 -5.19 17.82
CA HIS A 111 12.90 -4.56 16.57
C HIS A 111 13.06 -3.05 16.75
N GLN A 112 14.30 -2.68 16.97
CA GLN A 112 14.70 -1.32 17.16
C GLN A 112 15.16 -0.75 15.82
N GLN A 113 14.54 0.35 15.40
CA GLN A 113 14.93 1.00 14.14
C GLN A 113 15.45 2.39 14.35
N PHE A 114 16.38 2.80 13.46
CA PHE A 114 16.74 4.22 13.28
C PHE A 114 15.86 4.87 12.20
N PHE A 115 15.54 6.13 12.38
CA PHE A 115 14.77 6.81 11.37
C PHE A 115 15.33 8.18 11.20
N ALA A 116 15.92 8.48 10.04
CA ALA A 116 16.51 9.81 9.88
C ALA A 116 15.80 10.60 8.85
N ILE A 117 15.63 11.89 9.10
CA ILE A 117 14.89 12.80 8.21
C ILE A 117 15.26 14.30 8.33
N VAL A 118 14.92 15.08 7.32
CA VAL A 118 15.24 16.50 7.34
C VAL A 118 14.01 17.36 7.17
N GLN A 119 14.06 18.53 7.76
CA GLN A 119 12.91 19.41 7.73
C GLN A 119 13.35 20.86 7.71
N LEU A 120 12.63 21.66 6.92
CA LEU A 120 12.97 23.05 6.71
C LEU A 120 12.10 23.93 7.58
N ILE A 121 12.74 24.83 8.33
CA ILE A 121 12.05 25.90 9.04
C ILE A 121 11.57 26.83 7.94
N GLY A 122 10.39 26.49 7.41
CA GLY A 122 9.76 27.20 6.31
C GLY A 122 8.41 26.57 5.98
N THR A 123 7.84 26.98 4.87
CA THR A 123 6.54 26.48 4.50
C THR A 123 6.69 25.39 3.48
N ARG A 124 5.57 24.79 3.12
CA ARG A 124 5.58 23.66 2.21
C ARG A 124 5.92 24.11 0.80
N LYS A 125 5.48 25.31 0.40
CA LYS A 125 5.89 25.89 -0.89
C LYS A 125 7.38 26.08 -0.85
N GLN A 126 7.85 26.45 0.33
CA GLN A 126 9.23 26.77 0.52
C GLN A 126 10.08 25.50 0.42
N ALA A 127 9.61 24.42 1.03
CA ALA A 127 10.37 23.19 1.08
C ALA A 127 10.64 22.72 -0.33
N GLU A 128 9.65 22.89 -1.19
CA GLU A 128 9.62 22.29 -2.53
C GLU A 128 10.71 22.78 -3.44
N ASN A 129 11.35 23.87 -3.10
CA ASN A 129 12.38 24.39 -3.93
C ASN A 129 13.73 23.77 -3.66
N PHE A 130 13.72 22.60 -2.99
CA PHE A 130 14.91 21.95 -2.33
C PHE A 130 14.86 20.42 -2.27
N ALA A 131 16.03 19.78 -2.32
CA ALA A 131 16.13 18.34 -2.06
C ALA A 131 17.23 18.04 -1.08
N TYR A 132 16.96 17.15 -0.12
CA TYR A 132 18.03 16.65 0.74
C TYR A 132 18.46 15.26 0.28
N ARG A 133 19.69 14.89 0.64
CA ARG A 133 20.21 13.54 0.48
C ARG A 133 21.02 13.10 1.66
N LEU A 134 20.47 12.22 2.50
CA LEU A 134 21.27 11.57 3.55
C LEU A 134 21.92 10.39 2.91
N GLU A 135 23.12 10.04 3.36
CA GLU A 135 23.86 8.86 2.86
C GLU A 135 24.78 8.18 3.94
N LEU A 136 24.67 6.87 4.08
CA LEU A 136 25.58 6.13 4.96
C LEU A 136 26.66 5.37 4.18
N ASN A 137 27.82 5.24 4.78
CA ASN A 137 28.97 4.60 4.11
C ASN A 137 29.57 3.63 5.07
N GLY A 138 30.05 2.53 4.50
CA GLY A 138 30.66 1.45 5.25
C GLY A 138 31.66 0.81 4.31
N HIS A 139 32.15 -0.37 4.65
CA HIS A 139 33.08 -0.99 3.74
C HIS A 139 32.32 -1.48 2.52
N ARG A 140 32.70 -0.96 1.35
CA ARG A 140 32.11 -1.40 0.08
C ARG A 140 30.61 -1.67 0.22
N ARG A 141 29.92 -0.65 0.73
CA ARG A 141 28.47 -0.59 0.73
C ARG A 141 28.02 0.82 1.07
N ARG A 142 26.91 1.23 0.50
CA ARG A 142 26.44 2.58 0.66
C ARG A 142 24.95 2.53 0.47
N LEU A 143 24.26 3.38 1.24
CA LEU A 143 22.80 3.46 1.27
C LEU A 143 22.40 4.89 1.43
N THR A 144 21.63 5.38 0.44
CA THR A 144 21.38 6.82 0.24
C THR A 144 19.91 7.00 0.11
N TRP A 145 19.44 8.12 0.63
CA TRP A 145 18.03 8.42 0.59
C TRP A 145 17.81 9.86 0.10
N GLU A 146 16.94 10.01 -0.86
CA GLU A 146 16.62 11.33 -1.26
C GLU A 146 15.15 11.53 -1.05
N ALA A 147 14.84 12.80 -0.82
CA ALA A 147 13.53 13.26 -0.64
C ALA A 147 13.63 14.83 -0.68
N THR A 148 12.46 15.48 -0.68
CA THR A 148 12.39 16.93 -0.42
C THR A 148 12.09 17.24 1.07
N PRO A 149 12.80 18.20 1.66
CA PRO A 149 12.68 18.54 3.04
C PRO A 149 11.27 18.70 3.54
N ARG A 150 10.89 17.89 4.53
CA ARG A 150 9.63 18.05 5.27
C ARG A 150 9.42 19.43 5.82
N SER A 151 8.22 19.71 6.26
CA SER A 151 7.96 21.08 6.65
C SER A 151 7.44 21.22 8.06
N ILE A 152 8.23 21.95 8.82
CA ILE A 152 7.98 22.31 10.20
C ILE A 152 6.49 22.33 10.61
N HIS A 153 5.60 22.59 9.65
CA HIS A 153 4.16 22.59 9.86
C HIS A 153 3.74 21.13 9.85
N GLU A 154 3.64 20.57 8.66
CA GLU A 154 3.45 19.13 8.48
C GLU A 154 4.07 18.31 9.60
N GLY A 155 5.21 18.79 10.10
CA GLY A 155 5.98 18.06 11.07
C GLY A 155 6.54 16.81 10.45
N ILE A 156 6.72 15.78 11.29
CA ILE A 156 7.44 14.58 10.89
C ILE A 156 7.05 13.28 11.62
N ALA A 157 6.05 13.31 12.48
CA ALA A 157 5.67 12.03 13.11
C ALA A 157 4.96 11.12 12.13
N THR A 158 4.25 11.69 11.17
CA THR A 158 3.59 10.88 10.14
C THR A 158 4.64 10.38 9.16
N ALA A 159 5.44 11.31 8.61
CA ALA A 159 6.60 10.94 7.81
C ALA A 159 7.23 9.75 8.50
N ILE A 160 7.50 9.89 9.79
CA ILE A 160 8.14 8.80 10.50
C ILE A 160 7.26 7.55 10.57
N MET A 161 5.96 7.71 10.80
CA MET A 161 5.06 6.56 10.82
C MET A 161 5.02 5.87 9.48
N ASN A 162 4.87 6.64 8.39
CA ASN A 162 4.73 6.01 7.05
C ASN A 162 6.05 5.37 6.59
N SER A 163 7.14 5.73 7.25
CA SER A 163 8.50 5.36 6.85
C SER A 163 8.87 6.13 5.62
N ASP A 164 8.34 7.33 5.51
CA ASP A 164 8.68 8.22 4.43
C ASP A 164 9.90 9.01 4.92
N CYS A 165 11.02 8.30 5.05
CA CYS A 165 12.28 8.87 5.52
C CYS A 165 13.38 7.87 5.18
N LEU A 166 14.58 8.08 5.67
CA LEU A 166 15.44 6.93 5.61
C LEU A 166 15.39 6.03 6.93
N VAL A 167 15.49 4.73 6.76
CA VAL A 167 15.30 3.93 7.90
C VAL A 167 16.09 2.64 7.79
N PHE A 168 16.64 2.15 8.90
CA PHE A 168 17.64 1.08 8.82
C PHE A 168 17.76 0.53 10.19
N ASP A 169 17.87 -0.79 10.24
CA ASP A 169 17.92 -1.45 11.52
C ASP A 169 19.33 -1.31 12.07
N THR A 170 19.45 -1.62 13.33
CA THR A 170 20.73 -1.56 14.04
C THR A 170 21.80 -2.46 13.43
N SER A 171 21.42 -3.65 13.01
CA SER A 171 22.44 -4.56 12.47
C SER A 171 23.17 -3.84 11.37
N ILE A 172 22.38 -3.20 10.50
CA ILE A 172 22.79 -2.28 9.42
C ILE A 172 23.68 -1.18 10.00
N ALA A 173 23.11 -0.35 10.85
CA ALA A 173 23.91 0.65 11.57
C ALA A 173 25.36 0.19 11.80
N GLN A 174 25.54 -1.00 12.38
CA GLN A 174 26.85 -1.48 12.78
C GLN A 174 27.81 -1.52 11.64
N LEU A 175 27.29 -1.79 10.45
CA LEU A 175 28.16 -1.91 9.29
C LEU A 175 28.55 -0.54 8.73
N PHE A 176 27.82 0.46 9.19
CA PHE A 176 28.05 1.82 8.79
C PHE A 176 28.67 2.65 9.89
N ALA A 177 28.90 2.02 11.05
CA ALA A 177 29.23 2.71 12.28
C ALA A 177 30.72 2.79 12.51
N GLU A 178 31.15 3.74 13.33
CA GLU A 178 32.57 4.06 13.57
C GLU A 178 32.77 4.21 15.05
N ASN A 179 33.51 3.31 15.68
CA ASN A 179 33.70 3.36 17.15
C ASN A 179 32.43 3.79 17.88
N GLY A 180 31.28 3.24 17.51
CA GLY A 180 30.05 3.62 18.18
C GLY A 180 29.41 4.91 17.71
N ASN A 181 30.00 5.50 16.67
CA ASN A 181 29.46 6.69 15.99
C ASN A 181 28.89 6.40 14.62
N LEU A 182 27.73 6.97 14.31
CA LEU A 182 27.18 6.84 12.94
C LEU A 182 27.28 8.13 12.15
N GLY A 183 28.15 8.15 11.16
CA GLY A 183 28.32 9.36 10.33
C GLY A 183 27.32 9.37 9.19
N ILE A 184 26.45 10.36 9.19
CA ILE A 184 25.54 10.54 8.08
C ILE A 184 26.00 11.69 7.14
N ASN A 185 26.28 11.39 5.89
CA ASN A 185 26.50 12.53 5.04
C ASN A 185 25.18 13.23 4.75
N VAL A 186 25.24 14.53 4.49
CA VAL A 186 24.03 15.25 4.15
C VAL A 186 24.34 16.32 3.12
N THR A 187 23.59 16.32 2.04
CA THR A 187 23.72 17.44 1.17
C THR A 187 22.35 17.93 0.90
N ILE A 188 22.23 19.24 0.94
CA ILE A 188 21.01 19.91 0.55
C ILE A 188 21.36 20.60 -0.76
N SER A 189 20.46 20.50 -1.73
CA SER A 189 20.63 21.20 -2.97
C SER A 189 19.35 21.92 -3.38
N MET A 190 19.51 22.81 -4.37
CA MET A 190 18.44 23.65 -4.89
C MET A 190 17.78 23.13 -6.14
N CYS A 191 16.53 23.53 -6.30
CA CYS A 191 15.74 23.25 -7.48
C CYS A 191 14.48 24.17 -7.44
N ASN B 1 51.77 -30.20 17.45
CA ASN B 1 50.39 -30.05 16.86
C ASN B 1 50.32 -30.20 15.32
N SER B 2 51.47 -30.50 14.69
CA SER B 2 51.56 -30.65 13.22
C SER B 2 50.64 -31.76 12.65
N VAL B 3 49.60 -32.11 13.41
CA VAL B 3 48.56 -33.01 12.96
C VAL B 3 47.75 -32.32 11.86
N LEU B 4 48.08 -32.65 10.62
CA LEU B 4 47.51 -32.00 9.44
C LEU B 4 46.46 -32.85 8.72
N PHE B 5 45.21 -32.56 9.02
CA PHE B 5 44.10 -33.23 8.37
C PHE B 5 43.90 -32.75 6.96
N PRO B 6 43.65 -33.66 6.02
CA PRO B 6 43.19 -33.30 4.70
C PRO B 6 41.83 -32.64 4.79
N CYS B 7 41.44 -31.92 3.75
CA CYS B 7 40.08 -31.43 3.72
C CYS B 7 39.16 -32.54 3.27
N LYS B 8 37.90 -32.49 3.70
CA LYS B 8 36.91 -33.48 3.30
C LYS B 8 36.76 -33.48 1.79
N TYR B 9 36.61 -32.29 1.22
CA TYR B 9 36.37 -32.11 -0.21
C TYR B 9 37.60 -32.33 -1.09
N ALA B 10 38.70 -32.80 -0.52
CA ALA B 10 39.85 -33.23 -1.30
C ALA B 10 39.58 -34.51 -2.07
N SER B 11 38.51 -35.22 -1.71
CA SER B 11 38.03 -36.37 -2.51
C SER B 11 37.54 -35.93 -3.91
N SER B 12 37.45 -34.61 -4.10
CA SER B 12 37.08 -34.02 -5.38
C SER B 12 37.90 -32.75 -5.61
N GLY B 13 39.22 -32.86 -5.45
CA GLY B 13 40.12 -31.76 -5.76
C GLY B 13 41.01 -31.23 -4.65
N CYS B 14 40.42 -30.55 -3.68
CA CYS B 14 41.13 -29.74 -2.68
C CYS B 14 42.50 -30.34 -2.28
N GLU B 15 43.57 -29.56 -2.20
CA GLU B 15 44.86 -30.14 -1.78
C GLU B 15 45.37 -29.55 -0.48
N ILE B 16 44.54 -28.74 0.15
CA ILE B 16 44.92 -28.09 1.38
C ILE B 16 44.82 -29.07 2.54
N THR B 17 45.64 -28.84 3.57
CA THR B 17 45.78 -29.77 4.70
C THR B 17 46.12 -28.97 5.97
N LEU B 18 45.26 -29.02 6.97
CA LEU B 18 45.32 -28.05 8.06
C LEU B 18 44.89 -28.58 9.44
N PRO B 19 45.46 -28.02 10.52
CA PRO B 19 45.17 -28.28 11.95
C PRO B 19 43.69 -28.35 12.32
N HIS B 20 43.38 -29.21 13.28
CA HIS B 20 42.01 -29.60 13.63
C HIS B 20 40.98 -28.47 13.85
N THR B 21 41.37 -27.38 14.53
CA THR B 21 40.46 -26.24 14.83
C THR B 21 40.48 -25.17 13.73
N GLU B 22 40.99 -25.56 12.56
CA GLU B 22 40.86 -24.73 11.38
C GLU B 22 40.03 -25.38 10.30
N LYS B 23 39.71 -26.67 10.45
CA LYS B 23 38.98 -27.40 9.42
C LYS B 23 37.64 -26.74 9.02
N ALA B 24 36.63 -26.82 9.90
CA ALA B 24 35.30 -26.23 9.60
C ALA B 24 35.37 -24.72 9.41
N GLU B 25 36.52 -24.13 9.73
CA GLU B 25 36.83 -22.74 9.38
C GLU B 25 37.51 -22.59 7.99
N HIS B 26 37.29 -23.56 7.08
CA HIS B 26 37.88 -23.57 5.72
C HIS B 26 37.00 -24.37 4.82
N GLU B 27 36.35 -25.37 5.41
CA GLU B 27 35.50 -26.30 4.69
C GLU B 27 34.15 -25.71 4.32
N GLU B 28 33.95 -24.44 4.66
CA GLU B 28 32.78 -23.69 4.20
C GLU B 28 33.25 -22.54 3.32
N LEU B 29 34.55 -22.30 3.34
CA LEU B 29 35.15 -21.26 2.56
C LEU B 29 35.98 -21.89 1.44
N CYS B 30 35.70 -23.15 1.14
CA CYS B 30 36.45 -23.84 0.08
C CYS B 30 35.96 -23.40 -1.29
N GLU B 31 36.78 -23.59 -2.31
CA GLU B 31 36.33 -23.37 -3.66
C GLU B 31 35.85 -24.69 -4.27
N PHE B 32 35.99 -25.76 -3.50
CA PHE B 32 35.70 -27.12 -3.97
C PHE B 32 34.46 -27.75 -3.32
N ARG B 33 33.89 -27.05 -2.34
CA ARG B 33 32.60 -27.42 -1.77
C ARG B 33 31.59 -27.51 -2.91
N PRO B 34 30.66 -28.47 -2.82
CA PRO B 34 29.64 -28.55 -3.86
C PRO B 34 28.62 -27.44 -3.68
N TYR B 35 27.88 -27.11 -4.73
CA TYR B 35 26.96 -26.00 -4.64
C TYR B 35 25.58 -26.51 -4.36
N SER B 36 24.76 -25.70 -3.70
CA SER B 36 23.33 -25.97 -3.56
C SER B 36 22.53 -25.01 -4.45
N CYS B 37 21.46 -25.53 -5.05
CA CYS B 37 20.60 -24.74 -5.91
C CYS B 37 20.34 -23.35 -5.31
N PRO B 38 20.75 -22.28 -6.04
CA PRO B 38 20.77 -20.92 -5.52
C PRO B 38 19.44 -20.22 -5.67
N CYS B 39 18.48 -20.91 -6.28
CA CYS B 39 17.09 -20.49 -6.24
C CYS B 39 16.63 -20.32 -4.77
N PRO B 40 15.96 -19.19 -4.45
CA PRO B 40 15.72 -18.86 -3.06
C PRO B 40 14.59 -19.68 -2.43
N GLY B 41 14.04 -20.64 -3.18
CA GLY B 41 13.11 -21.60 -2.61
C GLY B 41 13.79 -22.50 -1.57
N ALA B 42 13.03 -22.90 -0.55
CA ALA B 42 13.51 -23.85 0.45
C ALA B 42 13.55 -25.28 -0.11
N SER B 43 12.73 -25.53 -1.13
CA SER B 43 12.46 -26.87 -1.69
C SER B 43 13.61 -27.59 -2.41
N CYS B 44 14.08 -27.02 -3.52
CA CYS B 44 15.07 -27.68 -4.39
C CYS B 44 16.33 -28.14 -3.61
N LYS B 45 16.69 -29.41 -3.77
CA LYS B 45 17.86 -29.97 -3.08
C LYS B 45 18.92 -30.52 -4.04
N TRP B 46 19.24 -29.70 -5.03
CA TRP B 46 20.18 -30.07 -6.06
C TRP B 46 21.58 -29.81 -5.52
N GLN B 47 22.60 -30.41 -6.16
CA GLN B 47 24.03 -30.12 -5.89
C GLN B 47 24.94 -30.43 -7.09
N GLY B 48 26.01 -29.66 -7.25
CA GLY B 48 26.97 -29.94 -8.33
C GLY B 48 28.02 -28.86 -8.58
N SER B 49 28.93 -29.14 -9.51
CA SER B 49 29.99 -28.18 -9.85
C SER B 49 29.37 -26.87 -10.29
N LEU B 50 30.07 -25.77 -10.00
CA LEU B 50 29.61 -24.45 -10.39
C LEU B 50 29.10 -24.45 -11.81
N ASP B 51 29.87 -25.01 -12.73
CA ASP B 51 29.51 -25.04 -14.14
C ASP B 51 28.22 -25.80 -14.48
N ALA B 52 27.68 -26.59 -13.56
CA ALA B 52 26.46 -27.34 -13.85
C ALA B 52 25.28 -26.69 -13.20
N VAL B 53 25.54 -25.51 -12.64
CA VAL B 53 24.53 -24.74 -11.93
C VAL B 53 23.59 -24.04 -12.87
N MET B 54 24.15 -23.23 -13.78
CA MET B 54 23.33 -22.52 -14.77
C MET B 54 22.52 -23.50 -15.62
N PRO B 55 23.15 -24.60 -16.09
CA PRO B 55 22.39 -25.75 -16.61
C PRO B 55 21.31 -26.27 -15.65
N HIS B 56 21.55 -26.26 -14.35
CA HIS B 56 20.53 -26.77 -13.45
C HIS B 56 19.24 -25.94 -13.54
N LEU B 57 19.37 -24.62 -13.38
CA LEU B 57 18.21 -23.74 -13.26
C LEU B 57 17.47 -23.67 -14.57
N MET B 58 18.23 -23.68 -15.66
CA MET B 58 17.65 -23.64 -16.98
C MET B 58 16.76 -24.83 -17.32
N HIS B 59 17.05 -25.99 -16.76
CA HIS B 59 16.24 -27.19 -16.99
C HIS B 59 15.16 -27.36 -15.93
N GLN B 60 15.59 -27.38 -14.68
CA GLN B 60 14.70 -27.64 -13.55
C GLN B 60 13.73 -26.50 -13.23
N HIS B 61 14.22 -25.25 -13.27
CA HIS B 61 13.37 -24.05 -13.17
C HIS B 61 13.43 -23.18 -14.46
N LYS B 62 12.70 -23.60 -15.50
CA LYS B 62 12.53 -22.78 -16.71
C LYS B 62 11.58 -21.64 -16.39
N SER B 63 10.86 -21.80 -15.28
CA SER B 63 9.94 -20.82 -14.75
C SER B 63 10.55 -19.43 -14.50
N ILE B 64 11.87 -19.34 -14.59
CA ILE B 64 12.62 -18.18 -14.08
C ILE B 64 13.24 -17.27 -15.18
N THR B 65 12.90 -15.99 -15.14
CA THR B 65 13.23 -15.04 -16.20
C THR B 65 14.71 -14.78 -16.33
N THR B 66 15.12 -14.30 -17.50
CA THR B 66 16.49 -13.86 -17.70
C THR B 66 16.47 -12.65 -18.60
N LEU B 67 17.44 -11.77 -18.41
CA LEU B 67 17.57 -10.58 -19.21
C LEU B 67 19.02 -10.18 -19.34
N GLN B 68 19.38 -9.57 -20.47
CA GLN B 68 20.79 -9.15 -20.61
C GLN B 68 20.92 -7.68 -20.58
N GLY B 69 22.05 -7.19 -20.09
CA GLY B 69 22.32 -5.79 -19.99
C GLY B 69 22.74 -5.38 -18.60
N GLU B 70 23.84 -4.66 -18.47
CA GLU B 70 24.29 -4.20 -17.18
C GLU B 70 23.40 -3.17 -16.50
N ASP B 71 22.19 -2.96 -17.00
CA ASP B 71 21.37 -1.90 -16.49
C ASP B 71 19.94 -2.10 -16.90
N ILE B 72 19.23 -2.91 -16.14
CA ILE B 72 17.87 -3.28 -16.43
C ILE B 72 16.98 -2.73 -15.33
N VAL B 73 15.71 -3.14 -15.34
CA VAL B 73 14.70 -2.80 -14.35
C VAL B 73 14.02 -4.06 -14.01
N PHE B 74 14.19 -4.47 -12.76
CA PHE B 74 13.58 -5.67 -12.18
C PHE B 74 12.27 -5.11 -11.76
N LEU B 75 11.17 -5.65 -12.27
CA LEU B 75 9.86 -5.14 -11.91
C LEU B 75 9.09 -6.23 -11.17
N ALA B 76 9.06 -6.10 -9.83
CA ALA B 76 8.32 -7.05 -9.00
C ALA B 76 6.85 -6.77 -9.11
N THR B 77 6.13 -7.75 -9.66
CA THR B 77 4.69 -7.60 -9.94
C THR B 77 3.82 -7.79 -8.70
N ASP B 78 2.74 -7.04 -8.58
CA ASP B 78 1.73 -7.34 -7.55
C ASP B 78 2.37 -7.52 -6.16
N ILE B 79 2.91 -6.43 -5.60
CA ILE B 79 3.66 -6.47 -4.32
C ILE B 79 2.81 -6.73 -3.06
N ASN B 80 1.55 -6.33 -3.12
CA ASN B 80 0.70 -6.33 -1.94
C ASN B 80 0.25 -7.71 -1.48
N LEU B 81 0.45 -8.73 -2.31
CA LEU B 81 0.05 -10.06 -1.92
C LEU B 81 0.39 -10.34 -0.44
N PRO B 82 -0.62 -10.80 0.34
CA PRO B 82 -0.38 -10.98 1.78
C PRO B 82 0.29 -12.32 2.07
N GLY B 83 1.37 -12.28 2.86
CA GLY B 83 2.18 -13.48 3.15
C GLY B 83 3.62 -13.46 2.67
N ALA B 84 4.36 -14.54 2.96
CA ALA B 84 5.73 -14.64 2.49
C ALA B 84 5.70 -14.92 1.00
N VAL B 85 5.94 -13.85 0.26
CA VAL B 85 6.02 -13.82 -1.20
C VAL B 85 7.51 -13.84 -1.53
N ASP B 86 7.84 -14.03 -2.81
CA ASP B 86 9.19 -13.73 -3.27
C ASP B 86 9.29 -13.68 -4.81
N TRP B 87 10.18 -12.84 -5.31
CA TRP B 87 10.39 -12.71 -6.74
C TRP B 87 11.83 -13.09 -7.01
N VAL B 88 12.09 -13.78 -8.12
CA VAL B 88 13.47 -14.12 -8.50
C VAL B 88 13.65 -13.80 -9.97
N MET B 89 14.85 -13.45 -10.40
CA MET B 89 15.07 -13.14 -11.81
C MET B 89 16.54 -13.13 -12.03
N MET B 90 16.93 -13.24 -13.30
CA MET B 90 18.35 -13.36 -13.63
C MET B 90 18.85 -12.34 -14.65
N GLN B 91 20.08 -11.90 -14.47
CA GLN B 91 20.59 -10.78 -15.18
C GLN B 91 21.96 -11.11 -15.69
N SER B 92 22.05 -11.44 -16.97
CA SER B 92 23.32 -11.80 -17.57
C SER B 92 23.95 -10.55 -18.09
N CYS B 93 25.20 -10.33 -17.69
CA CYS B 93 26.02 -9.28 -18.23
C CYS B 93 27.46 -9.59 -17.87
N PHE B 94 28.38 -9.14 -18.69
CA PHE B 94 29.80 -9.21 -18.31
C PHE B 94 30.42 -10.56 -18.36
N GLY B 95 29.85 -11.44 -19.15
CA GLY B 95 30.32 -12.80 -19.24
C GLY B 95 29.71 -13.67 -18.13
N PHE B 96 28.84 -13.07 -17.31
CA PHE B 96 28.40 -13.65 -16.09
C PHE B 96 26.91 -13.57 -15.91
N HIS B 97 26.37 -14.44 -15.05
CA HIS B 97 24.95 -14.39 -14.74
C HIS B 97 24.71 -14.03 -13.28
N PHE B 98 23.73 -13.17 -12.99
CA PHE B 98 23.56 -12.63 -11.63
C PHE B 98 22.14 -12.88 -11.18
N MET B 99 21.96 -13.30 -9.93
CA MET B 99 20.62 -13.66 -9.48
C MET B 99 20.00 -12.60 -8.61
N LEU B 100 18.88 -12.03 -9.08
CA LEU B 100 18.28 -10.88 -8.40
C LEU B 100 17.00 -11.40 -7.84
N VAL B 101 16.83 -11.20 -6.53
CA VAL B 101 15.87 -11.85 -5.65
C VAL B 101 15.32 -10.78 -4.77
N LEU B 102 13.99 -10.76 -4.61
CA LEU B 102 13.32 -9.80 -3.72
C LEU B 102 12.32 -10.51 -2.78
N GLU B 103 12.60 -10.50 -1.48
CA GLU B 103 11.94 -11.44 -0.57
C GLU B 103 11.14 -10.79 0.55
N LYS B 104 9.83 -10.76 0.40
CA LYS B 104 8.94 -10.18 1.40
C LYS B 104 8.77 -11.20 2.52
N GLN B 105 9.00 -10.79 3.75
CA GLN B 105 8.70 -11.67 4.84
C GLN B 105 8.41 -10.86 6.06
N GLU B 106 7.73 -11.51 7.01
CA GLU B 106 7.52 -10.92 8.34
C GLU B 106 8.71 -11.28 9.23
N LYS B 107 9.66 -10.34 9.36
CA LYS B 107 10.92 -10.61 10.10
C LYS B 107 10.78 -10.68 11.63
N TYR B 108 10.07 -9.71 12.22
CA TYR B 108 9.70 -9.77 13.64
C TYR B 108 8.16 -9.79 13.71
N ASP B 109 7.58 -10.82 14.33
CA ASP B 109 6.11 -11.00 14.38
C ASP B 109 5.39 -9.65 14.59
N GLY B 110 4.84 -9.09 13.51
CA GLY B 110 4.16 -7.81 13.59
C GLY B 110 4.75 -6.71 12.74
N HIS B 111 5.81 -7.03 11.97
CA HIS B 111 6.46 -6.11 10.99
C HIS B 111 7.04 -6.83 9.76
N GLN B 112 6.29 -6.75 8.65
CA GLN B 112 6.65 -7.37 7.38
C GLN B 112 7.51 -6.40 6.55
N GLN B 113 8.56 -6.95 5.95
CA GLN B 113 9.53 -6.13 5.23
C GLN B 113 10.03 -6.79 3.97
N PHE B 114 10.49 -5.94 3.06
CA PHE B 114 11.07 -6.39 1.82
C PHE B 114 12.58 -6.57 1.95
N PHE B 115 13.20 -7.32 1.04
CA PHE B 115 14.58 -7.69 1.22
C PHE B 115 15.31 -7.96 -0.09
N ALA B 116 15.50 -6.95 -0.94
CA ALA B 116 16.10 -7.20 -2.26
C ALA B 116 17.62 -7.19 -2.24
N ILE B 117 18.20 -8.22 -2.88
CA ILE B 117 19.66 -8.51 -2.89
C ILE B 117 20.09 -9.23 -4.19
N VAL B 118 21.37 -9.17 -4.55
CA VAL B 118 21.88 -9.76 -5.79
C VAL B 118 23.04 -10.73 -5.51
N GLN B 119 23.14 -11.78 -6.30
CA GLN B 119 24.27 -12.71 -6.17
C GLN B 119 24.77 -13.08 -7.55
N LEU B 120 26.07 -13.31 -7.62
CA LEU B 120 26.74 -13.69 -8.83
C LEU B 120 26.83 -15.16 -8.80
N ILE B 121 26.38 -15.81 -9.86
CA ILE B 121 26.59 -17.23 -10.03
C ILE B 121 28.04 -17.45 -10.42
N GLY B 122 28.92 -17.33 -9.43
CA GLY B 122 30.36 -17.50 -9.64
C GLY B 122 31.08 -17.60 -8.31
N THR B 123 32.40 -17.76 -8.36
CA THR B 123 33.19 -17.97 -7.17
C THR B 123 33.36 -16.64 -6.46
N ARG B 124 33.73 -16.63 -5.19
CA ARG B 124 33.70 -15.38 -4.42
C ARG B 124 34.85 -14.46 -4.82
N LYS B 125 36.00 -15.04 -5.15
CA LYS B 125 37.04 -14.23 -5.78
C LYS B 125 36.38 -13.46 -6.92
N GLN B 126 35.67 -14.19 -7.76
CA GLN B 126 34.84 -13.63 -8.82
C GLN B 126 33.81 -12.51 -8.47
N ALA B 127 33.10 -12.63 -7.34
CA ALA B 127 32.09 -11.62 -6.99
C ALA B 127 32.75 -10.31 -6.61
N GLU B 128 33.94 -10.45 -6.06
CA GLU B 128 34.65 -9.34 -5.49
C GLU B 128 35.02 -8.36 -6.55
N ASN B 129 34.79 -8.68 -7.82
CA ASN B 129 35.15 -7.75 -8.90
C ASN B 129 34.03 -6.90 -9.42
N PHE B 130 32.87 -6.99 -8.79
CA PHE B 130 31.69 -6.34 -9.26
C PHE B 130 31.14 -5.39 -8.20
N ALA B 131 30.08 -4.68 -8.54
CA ALA B 131 29.36 -3.93 -7.55
C ALA B 131 28.01 -3.84 -8.16
N TYR B 132 26.96 -3.73 -7.34
CA TYR B 132 25.61 -3.65 -7.83
C TYR B 132 24.96 -2.49 -7.16
N ARG B 133 23.80 -2.08 -7.64
CA ARG B 133 23.09 -0.92 -7.15
C ARG B 133 21.69 -1.29 -7.40
N LEU B 134 20.85 -1.20 -6.40
CA LEU B 134 19.46 -1.36 -6.67
C LEU B 134 18.99 0.05 -6.37
N GLU B 135 17.84 0.48 -6.93
CA GLU B 135 17.35 1.81 -6.64
C GLU B 135 15.91 1.89 -7.00
N LEU B 136 15.15 2.58 -6.14
CA LEU B 136 13.70 2.58 -6.11
C LEU B 136 13.19 4.00 -6.19
N ASN B 137 12.55 4.38 -7.30
CA ASN B 137 12.07 5.75 -7.45
C ASN B 137 10.58 5.87 -7.14
N GLY B 138 10.14 7.10 -6.89
CA GLY B 138 8.81 7.39 -6.41
C GLY B 138 8.75 8.88 -6.47
N HIS B 139 7.63 9.49 -6.16
CA HIS B 139 7.54 10.91 -6.50
C HIS B 139 8.44 11.81 -5.66
N ARG B 140 9.48 12.32 -6.31
CA ARG B 140 10.54 13.10 -5.62
C ARG B 140 10.84 12.41 -4.30
N ARG B 141 11.20 11.15 -4.38
CA ARG B 141 11.81 10.42 -3.27
C ARG B 141 12.55 9.28 -3.92
N ARG B 142 13.69 8.93 -3.37
CA ARG B 142 14.44 7.83 -3.97
C ARG B 142 15.35 7.27 -2.95
N LEU B 143 15.43 5.93 -2.93
CA LEU B 143 16.20 5.23 -1.95
C LEU B 143 17.11 4.29 -2.66
N THR B 144 18.42 4.32 -2.40
CA THR B 144 19.40 3.50 -3.13
C THR B 144 20.21 2.61 -2.17
N TRP B 145 20.42 1.32 -2.51
CA TRP B 145 21.31 0.47 -1.74
C TRP B 145 22.46 0.02 -2.68
N GLU B 146 23.72 0.20 -2.34
CA GLU B 146 24.78 -0.40 -3.20
C GLU B 146 25.79 -1.06 -2.35
N ALA B 147 26.46 -2.06 -2.94
CA ALA B 147 27.41 -2.95 -2.34
C ALA B 147 27.89 -3.93 -3.44
N THR B 148 28.95 -4.70 -3.18
CA THR B 148 29.27 -5.84 -4.07
C THR B 148 28.36 -7.11 -3.85
N PRO B 149 28.12 -7.86 -4.92
CA PRO B 149 27.21 -9.01 -4.85
C PRO B 149 27.81 -10.22 -4.15
N ARG B 150 26.98 -11.06 -3.53
CA ARG B 150 27.49 -12.34 -2.97
C ARG B 150 27.86 -13.42 -4.03
N SER B 151 28.79 -14.30 -3.67
CA SER B 151 28.87 -15.63 -4.30
C SER B 151 27.66 -16.49 -3.86
N ILE B 152 27.18 -17.35 -4.74
CA ILE B 152 25.98 -18.11 -4.41
C ILE B 152 26.44 -19.27 -3.54
N HIS B 153 27.77 -19.37 -3.44
CA HIS B 153 28.45 -20.20 -2.46
C HIS B 153 27.96 -19.70 -1.12
N GLU B 154 28.67 -18.73 -0.54
CA GLU B 154 28.19 -18.02 0.65
C GLU B 154 26.66 -18.06 0.82
N GLY B 155 25.93 -18.01 -0.27
CA GLY B 155 24.46 -17.96 -0.19
C GLY B 155 24.04 -16.63 0.42
N ILE B 156 22.76 -16.30 0.33
CA ILE B 156 22.43 -15.01 0.87
C ILE B 156 21.78 -14.97 2.24
N ALA B 157 21.13 -16.06 2.64
CA ALA B 157 20.53 -16.24 3.98
C ALA B 157 21.20 -15.46 5.15
N THR B 158 22.52 -15.60 5.27
CA THR B 158 23.23 -14.85 6.28
C THR B 158 23.00 -13.34 6.19
N ALA B 159 23.22 -12.77 4.99
CA ALA B 159 23.15 -11.33 4.70
C ALA B 159 21.82 -10.74 5.12
N ILE B 160 20.74 -11.31 4.60
CA ILE B 160 19.39 -10.92 5.01
C ILE B 160 19.16 -11.13 6.51
N MET B 161 19.87 -12.10 7.10
CA MET B 161 19.79 -12.27 8.53
C MET B 161 20.28 -10.99 9.20
N ASN B 162 21.55 -10.67 8.98
CA ASN B 162 22.13 -9.41 9.46
C ASN B 162 21.65 -8.13 8.75
N SER B 163 20.92 -8.24 7.64
CA SER B 163 20.40 -7.04 7.01
C SER B 163 21.35 -6.28 6.04
N ASP B 164 22.29 -7.01 5.45
CA ASP B 164 23.33 -6.46 4.63
C ASP B 164 22.92 -6.58 3.18
N CYS B 165 22.23 -5.55 2.66
CA CYS B 165 21.40 -5.65 1.47
C CYS B 165 20.43 -4.51 1.57
N LEU B 166 19.36 -4.52 0.77
CA LEU B 166 18.48 -3.39 0.81
C LEU B 166 17.24 -3.84 1.55
N VAL B 167 16.74 -3.05 2.48
CA VAL B 167 15.63 -3.48 3.33
C VAL B 167 14.67 -2.35 3.60
N PHE B 168 13.44 -2.47 3.11
CA PHE B 168 12.42 -1.44 3.38
C PHE B 168 11.10 -2.16 3.64
N ASP B 169 10.15 -1.40 4.18
CA ASP B 169 8.89 -1.90 4.69
C ASP B 169 7.75 -1.50 3.77
N THR B 170 6.72 -2.35 3.75
CA THR B 170 5.55 -2.22 2.89
C THR B 170 5.01 -0.79 2.86
N SER B 171 4.97 -0.15 4.01
CA SER B 171 4.57 1.25 4.15
C SER B 171 5.17 2.12 3.05
N ILE B 172 6.45 1.93 2.80
CA ILE B 172 7.14 2.82 1.91
C ILE B 172 7.10 2.30 0.48
N ALA B 173 7.30 1.00 0.30
CA ALA B 173 7.15 0.38 -1.01
C ALA B 173 5.87 0.86 -1.69
N GLN B 174 5.07 1.62 -0.96
CA GLN B 174 3.81 2.11 -1.47
C GLN B 174 3.97 3.32 -2.35
N LEU B 175 4.99 4.12 -2.07
CA LEU B 175 5.15 5.38 -2.75
C LEU B 175 6.19 5.10 -3.76
N PHE B 176 6.58 3.83 -3.82
CA PHE B 176 7.49 3.38 -4.83
C PHE B 176 6.81 2.48 -5.82
N ALA B 177 5.75 1.80 -5.39
CA ALA B 177 5.16 0.87 -6.31
C ALA B 177 4.38 1.73 -7.29
N GLU B 178 4.19 1.23 -8.52
CA GLU B 178 3.19 1.83 -9.40
C GLU B 178 2.19 0.73 -9.64
N ASN B 179 0.91 1.04 -9.41
CA ASN B 179 -0.19 0.08 -9.56
C ASN B 179 0.25 -1.31 -9.12
N GLY B 180 0.27 -1.51 -7.79
CA GLY B 180 0.67 -2.76 -7.14
C GLY B 180 1.93 -3.40 -7.68
N ASN B 181 2.85 -2.61 -8.24
CA ASN B 181 4.05 -3.14 -8.88
C ASN B 181 5.31 -2.38 -8.52
N LEU B 182 6.25 -3.01 -7.81
CA LEU B 182 7.50 -2.32 -7.48
C LEU B 182 8.60 -2.40 -8.54
N GLY B 183 9.05 -1.25 -9.06
CA GLY B 183 10.19 -1.29 -9.99
C GLY B 183 11.51 -1.03 -9.30
N ILE B 184 12.47 -1.93 -9.45
CA ILE B 184 13.73 -1.72 -8.85
C ILE B 184 14.76 -1.67 -9.97
N ASN B 185 15.42 -0.53 -10.18
CA ASN B 185 16.43 -0.48 -11.19
C ASN B 185 17.71 -1.13 -10.71
N VAL B 186 18.23 -2.08 -11.47
CA VAL B 186 19.49 -2.67 -11.05
C VAL B 186 20.59 -2.33 -12.04
N THR B 187 21.65 -1.67 -11.60
CA THR B 187 22.82 -1.59 -12.44
C THR B 187 23.94 -2.37 -11.77
N ILE B 188 24.51 -3.31 -12.50
CA ILE B 188 25.75 -3.99 -12.17
C ILE B 188 26.96 -3.38 -12.97
N SER B 189 28.08 -3.24 -12.28
CA SER B 189 29.23 -2.56 -12.77
C SER B 189 30.51 -3.27 -12.33
N MET B 190 31.65 -2.81 -12.84
CA MET B 190 32.94 -3.45 -12.55
C MET B 190 33.99 -2.53 -11.92
N CYS B 191 35.03 -3.17 -11.39
CA CYS B 191 36.05 -2.53 -10.57
C CYS B 191 37.21 -3.51 -10.52
N ASN C 1 22.65 -0.22 -29.39
CA ASN C 1 23.22 -1.01 -30.53
C ASN C 1 22.39 -2.26 -30.87
N SER C 2 22.18 -2.52 -32.18
CA SER C 2 21.07 -3.36 -32.68
C SER C 2 21.18 -4.86 -32.47
N VAL C 3 20.45 -5.35 -31.47
CA VAL C 3 20.53 -6.73 -31.04
C VAL C 3 19.12 -7.32 -30.95
N LEU C 4 18.81 -8.31 -31.78
CA LEU C 4 17.49 -9.00 -31.78
C LEU C 4 17.51 -10.27 -30.96
N PHE C 5 16.40 -10.61 -30.31
CA PHE C 5 16.24 -11.85 -29.51
C PHE C 5 14.99 -12.57 -29.90
N PRO C 6 15.01 -13.90 -29.81
CA PRO C 6 13.93 -14.79 -30.24
C PRO C 6 12.78 -14.76 -29.27
N CYS C 7 11.60 -15.10 -29.75
CA CYS C 7 10.42 -15.03 -28.92
C CYS C 7 10.38 -16.15 -27.87
N LYS C 8 9.89 -15.83 -26.69
CA LYS C 8 9.74 -16.80 -25.57
C LYS C 8 9.13 -18.17 -25.96
N TYR C 9 8.09 -18.18 -26.80
CA TYR C 9 7.50 -19.42 -27.34
C TYR C 9 7.96 -19.76 -28.78
N ALA C 10 9.24 -19.51 -29.08
CA ALA C 10 9.83 -19.99 -30.31
C ALA C 10 9.78 -21.49 -30.32
N SER C 11 9.66 -22.06 -29.11
CA SER C 11 9.62 -23.49 -28.87
C SER C 11 8.17 -23.97 -28.73
N SER C 12 7.23 -23.11 -29.12
CA SER C 12 5.99 -23.58 -29.74
C SER C 12 6.05 -23.26 -31.25
N GLY C 13 7.25 -23.32 -31.84
CA GLY C 13 7.49 -23.02 -33.25
C GLY C 13 7.25 -21.56 -33.68
N CYS C 14 7.68 -20.59 -32.87
CA CYS C 14 7.64 -19.18 -33.25
C CYS C 14 8.97 -18.80 -33.87
N GLU C 15 8.99 -17.83 -34.77
CA GLU C 15 10.25 -17.60 -35.46
C GLU C 15 10.83 -16.20 -35.39
N ILE C 16 10.04 -15.24 -34.93
CA ILE C 16 10.51 -13.85 -34.88
C ILE C 16 11.67 -13.57 -33.91
N THR C 17 12.55 -12.67 -34.33
CA THR C 17 13.73 -12.28 -33.55
C THR C 17 13.74 -10.75 -33.41
N LEU C 18 13.23 -10.28 -32.28
CA LEU C 18 12.95 -8.86 -32.05
C LEU C 18 13.75 -8.25 -30.93
N PRO C 19 14.08 -6.97 -31.04
CA PRO C 19 14.79 -6.28 -29.98
C PRO C 19 13.97 -6.32 -28.72
N HIS C 20 14.57 -5.98 -27.59
CA HIS C 20 13.85 -6.17 -26.36
C HIS C 20 12.68 -5.22 -26.24
N THR C 21 12.93 -3.94 -26.50
CA THR C 21 11.89 -2.91 -26.60
C THR C 21 10.63 -3.51 -27.22
N GLU C 22 10.78 -4.08 -28.40
CA GLU C 22 9.65 -4.57 -29.14
C GLU C 22 9.26 -6.01 -28.78
N LYS C 23 10.00 -6.64 -27.87
CA LYS C 23 9.83 -8.05 -27.63
C LYS C 23 8.53 -8.34 -26.86
N ALA C 24 8.52 -8.08 -25.55
CA ALA C 24 7.36 -8.43 -24.74
C ALA C 24 6.02 -8.11 -25.42
N GLU C 25 6.00 -6.98 -26.13
CA GLU C 25 4.89 -6.47 -26.96
C GLU C 25 4.22 -7.57 -27.79
N HIS C 26 4.99 -8.18 -28.68
CA HIS C 26 4.54 -9.30 -29.48
C HIS C 26 4.43 -10.55 -28.64
N GLU C 27 5.07 -10.59 -27.47
CA GLU C 27 5.04 -11.79 -26.62
C GLU C 27 3.64 -12.11 -26.12
N GLU C 28 2.74 -11.14 -26.25
CA GLU C 28 1.35 -11.31 -25.82
C GLU C 28 0.40 -11.51 -26.98
N LEU C 29 0.64 -10.77 -28.05
CA LEU C 29 -0.18 -10.85 -29.26
C LEU C 29 0.28 -11.97 -30.20
N CYS C 30 0.78 -13.07 -29.62
CA CYS C 30 1.57 -14.06 -30.38
C CYS C 30 0.87 -15.39 -30.53
N GLU C 31 0.75 -15.85 -31.78
CA GLU C 31 0.04 -17.09 -32.15
C GLU C 31 0.30 -18.27 -31.22
N PHE C 32 1.55 -18.43 -30.80
CA PHE C 32 1.92 -19.67 -30.14
C PHE C 32 1.79 -19.70 -28.62
N ARG C 33 1.44 -18.57 -28.01
CA ARG C 33 1.24 -18.59 -26.57
C ARG C 33 0.21 -19.66 -26.19
N PRO C 34 0.58 -20.57 -25.28
CA PRO C 34 -0.40 -21.49 -24.76
C PRO C 34 -1.27 -20.85 -23.70
N TYR C 35 -2.55 -21.20 -23.71
CA TYR C 35 -3.47 -20.88 -22.62
C TYR C 35 -3.97 -22.16 -21.99
N SER C 36 -3.96 -22.19 -20.66
CA SER C 36 -4.65 -23.27 -19.94
C SER C 36 -6.08 -22.83 -19.65
N CYS C 37 -6.92 -23.82 -19.38
CA CYS C 37 -8.38 -23.66 -19.30
C CYS C 37 -8.77 -22.45 -18.50
N PRO C 38 -9.51 -21.52 -19.12
CA PRO C 38 -9.80 -20.24 -18.52
C PRO C 38 -10.86 -20.47 -17.51
N CYS C 39 -10.76 -21.61 -16.85
CA CYS C 39 -11.75 -22.03 -15.90
C CYS C 39 -11.25 -22.01 -14.47
N PRO C 40 -12.10 -21.48 -13.57
CA PRO C 40 -11.92 -21.49 -12.12
C PRO C 40 -11.82 -22.90 -11.53
N GLY C 41 -12.61 -23.83 -12.07
CA GLY C 41 -12.60 -25.24 -11.66
C GLY C 41 -11.19 -25.79 -11.43
N ALA C 42 -10.29 -25.49 -12.37
CA ALA C 42 -8.89 -25.94 -12.35
C ALA C 42 -8.69 -27.48 -12.25
N SER C 43 -9.69 -28.26 -12.66
CA SER C 43 -9.57 -29.72 -12.74
C SER C 43 -9.11 -30.06 -14.15
N CYS C 44 -9.75 -29.40 -15.10
CA CYS C 44 -9.43 -29.46 -16.51
C CYS C 44 -7.92 -29.23 -16.75
N LYS C 45 -7.30 -30.10 -17.55
CA LYS C 45 -5.87 -30.02 -17.84
C LYS C 45 -5.55 -29.33 -19.16
N TRP C 46 -6.59 -29.07 -19.96
CA TRP C 46 -6.47 -28.58 -21.33
C TRP C 46 -5.51 -27.40 -21.60
N GLN C 47 -5.00 -27.36 -22.82
CA GLN C 47 -4.11 -26.30 -23.30
C GLN C 47 -4.24 -26.07 -24.83
N GLY C 48 -4.27 -24.81 -25.27
CA GLY C 48 -4.36 -24.55 -26.71
C GLY C 48 -4.12 -23.13 -27.20
N SER C 49 -4.09 -22.96 -28.51
CA SER C 49 -3.85 -21.63 -29.07
C SER C 49 -4.99 -20.76 -28.58
N LEU C 50 -4.95 -19.46 -28.85
CA LEU C 50 -6.02 -18.59 -28.33
C LEU C 50 -7.38 -18.99 -28.89
N ASP C 51 -7.38 -19.41 -30.14
CA ASP C 51 -8.63 -19.69 -30.83
C ASP C 51 -9.21 -21.01 -30.46
N ALA C 52 -8.36 -21.92 -30.03
CA ALA C 52 -8.83 -23.22 -29.55
C ALA C 52 -9.46 -23.11 -28.17
N VAL C 53 -9.55 -21.89 -27.64
CA VAL C 53 -10.01 -21.68 -26.26
C VAL C 53 -11.52 -21.65 -26.10
N MET C 54 -12.17 -20.79 -26.87
CA MET C 54 -13.63 -20.66 -26.80
C MET C 54 -14.32 -22.00 -27.15
N PRO C 55 -13.92 -22.64 -28.27
CA PRO C 55 -14.47 -23.96 -28.57
C PRO C 55 -14.35 -24.91 -27.38
N HIS C 56 -13.12 -25.08 -26.89
CA HIS C 56 -12.91 -25.95 -25.75
C HIS C 56 -13.99 -25.84 -24.65
N LEU C 57 -14.42 -24.63 -24.32
CA LEU C 57 -15.36 -24.43 -23.22
C LEU C 57 -16.77 -24.87 -23.57
N MET C 58 -17.20 -24.56 -24.76
CA MET C 58 -18.51 -24.97 -25.18
C MET C 58 -18.51 -26.48 -25.34
N HIS C 59 -17.37 -27.05 -25.73
CA HIS C 59 -17.25 -28.51 -25.89
C HIS C 59 -17.30 -29.21 -24.55
N GLN C 60 -16.20 -29.18 -23.84
CA GLN C 60 -16.11 -29.93 -22.61
C GLN C 60 -16.73 -29.27 -21.42
N HIS C 61 -16.98 -27.97 -21.50
CA HIS C 61 -17.56 -27.28 -20.33
C HIS C 61 -19.01 -26.81 -20.55
N LYS C 62 -19.79 -27.59 -21.29
CA LYS C 62 -21.16 -27.21 -21.65
C LYS C 62 -22.04 -26.69 -20.48
N SER C 63 -21.89 -27.27 -19.28
CA SER C 63 -22.73 -26.89 -18.12
C SER C 63 -22.91 -25.37 -18.00
N ILE C 64 -21.77 -24.67 -17.86
CA ILE C 64 -21.65 -23.21 -17.96
C ILE C 64 -22.69 -22.52 -18.87
N THR C 65 -23.66 -21.88 -18.21
CA THR C 65 -24.62 -21.00 -18.88
C THR C 65 -23.89 -19.94 -19.64
N THR C 66 -24.57 -19.37 -20.63
CA THR C 66 -23.99 -18.37 -21.54
C THR C 66 -25.11 -17.44 -21.89
N LEU C 67 -24.84 -16.15 -22.02
CA LEU C 67 -25.89 -15.25 -22.44
C LEU C 67 -25.40 -14.19 -23.45
N GLN C 68 -26.16 -14.03 -24.54
CA GLN C 68 -25.91 -12.96 -25.52
C GLN C 68 -26.28 -11.64 -24.90
N GLY C 69 -26.09 -10.57 -25.68
CA GLY C 69 -26.48 -9.27 -25.21
C GLY C 69 -25.31 -8.71 -24.45
N GLU C 70 -25.57 -7.72 -23.60
CA GLU C 70 -24.48 -6.98 -22.91
C GLU C 70 -24.95 -6.05 -21.80
N ASP C 71 -26.25 -5.94 -21.63
CA ASP C 71 -26.79 -5.64 -20.30
C ASP C 71 -27.49 -6.86 -19.70
N ILE C 72 -26.83 -7.62 -18.84
CA ILE C 72 -27.51 -8.78 -18.26
C ILE C 72 -27.49 -8.78 -16.76
N VAL C 73 -28.45 -9.45 -16.15
CA VAL C 73 -28.30 -9.72 -14.71
C VAL C 73 -27.66 -11.07 -14.52
N PHE C 74 -26.65 -11.15 -13.67
CA PHE C 74 -26.05 -12.45 -13.32
C PHE C 74 -26.67 -12.79 -11.97
N LEU C 75 -27.55 -13.78 -11.94
CA LEU C 75 -28.23 -14.11 -10.66
C LEU C 75 -27.54 -15.23 -9.90
N ALA C 76 -26.78 -14.84 -8.89
CA ALA C 76 -26.19 -15.83 -7.99
C ALA C 76 -27.25 -16.64 -7.22
N THR C 77 -27.32 -17.94 -7.53
CA THR C 77 -28.26 -18.87 -6.89
C THR C 77 -27.79 -19.41 -5.53
N ASP C 78 -28.56 -19.19 -4.46
CA ASP C 78 -28.26 -19.87 -3.19
C ASP C 78 -27.07 -19.28 -2.46
N ILE C 79 -27.00 -17.95 -2.43
CA ILE C 79 -25.91 -17.23 -1.78
C ILE C 79 -25.23 -17.91 -0.55
N ASN C 80 -26.03 -18.47 0.35
CA ASN C 80 -25.47 -19.02 1.60
C ASN C 80 -25.21 -20.54 1.65
N LEU C 81 -24.78 -21.12 0.55
CA LEU C 81 -24.29 -22.48 0.64
C LEU C 81 -22.97 -22.50 1.36
N PRO C 82 -22.99 -23.05 2.60
CA PRO C 82 -21.97 -23.00 3.63
C PRO C 82 -20.58 -23.40 3.12
N GLY C 83 -19.60 -22.50 3.31
CA GLY C 83 -18.21 -22.76 2.92
C GLY C 83 -17.95 -22.63 1.43
N ALA C 84 -16.78 -22.04 1.11
CA ALA C 84 -16.25 -21.79 -0.24
C ALA C 84 -17.05 -22.30 -1.44
N VAL C 85 -17.66 -21.39 -2.19
CA VAL C 85 -18.42 -21.75 -3.40
C VAL C 85 -18.08 -20.90 -4.64
N ASP C 86 -18.65 -21.25 -5.78
CA ASP C 86 -18.32 -20.55 -7.04
C ASP C 86 -19.47 -20.51 -8.02
N TRP C 87 -19.55 -19.40 -8.74
CA TRP C 87 -20.42 -19.40 -9.88
C TRP C 87 -19.66 -19.01 -11.12
N VAL C 88 -20.24 -19.29 -12.26
CA VAL C 88 -19.64 -18.80 -13.43
C VAL C 88 -20.64 -18.89 -14.53
N MET C 89 -20.61 -17.90 -15.37
CA MET C 89 -21.45 -17.86 -16.51
C MET C 89 -20.66 -17.06 -17.49
N MET C 90 -21.13 -17.01 -18.73
CA MET C 90 -20.44 -16.28 -19.76
C MET C 90 -21.38 -15.36 -20.38
N GLN C 91 -20.90 -14.16 -20.61
CA GLN C 91 -21.70 -13.20 -21.32
C GLN C 91 -20.93 -12.87 -22.53
N SER C 92 -21.57 -12.98 -23.68
CA SER C 92 -20.91 -12.56 -24.91
C SER C 92 -21.56 -11.39 -25.60
N CYS C 93 -20.69 -10.52 -26.11
CA CYS C 93 -21.10 -9.43 -27.01
C CYS C 93 -19.90 -8.84 -27.71
N PHE C 94 -20.22 -7.91 -28.65
CA PHE C 94 -19.28 -7.22 -29.54
C PHE C 94 -18.35 -8.26 -30.16
N GLY C 95 -18.95 -9.23 -30.83
CA GLY C 95 -18.23 -10.46 -31.08
C GLY C 95 -17.09 -10.80 -30.10
N PHE C 96 -17.34 -10.84 -28.79
CA PHE C 96 -16.35 -11.41 -27.85
C PHE C 96 -17.06 -12.06 -26.71
N HIS C 97 -16.33 -12.92 -26.02
CA HIS C 97 -16.96 -13.62 -24.92
C HIS C 97 -16.35 -13.29 -23.58
N PHE C 98 -17.09 -12.59 -22.74
CA PHE C 98 -16.58 -12.34 -21.41
C PHE C 98 -17.06 -13.37 -20.40
N MET C 99 -16.26 -13.64 -19.38
CA MET C 99 -16.66 -14.67 -18.41
C MET C 99 -16.76 -14.25 -16.94
N LEU C 100 -17.97 -14.21 -16.43
CA LEU C 100 -18.24 -13.55 -15.15
C LEU C 100 -18.06 -14.52 -14.02
N VAL C 101 -17.68 -14.05 -12.84
CA VAL C 101 -17.25 -15.00 -11.79
C VAL C 101 -17.39 -14.61 -10.33
N LEU C 102 -18.38 -15.17 -9.70
CA LEU C 102 -18.50 -14.92 -8.26
C LEU C 102 -17.73 -16.03 -7.56
N GLU C 103 -16.92 -15.67 -6.57
CA GLU C 103 -16.29 -16.65 -5.75
C GLU C 103 -16.58 -16.35 -4.30
N LYS C 104 -16.80 -17.42 -3.54
CA LYS C 104 -16.81 -17.33 -2.09
C LYS C 104 -15.55 -17.98 -1.53
N GLN C 105 -14.86 -17.18 -0.73
CA GLN C 105 -13.59 -17.53 -0.18
C GLN C 105 -13.88 -17.58 1.30
N GLU C 106 -13.26 -18.51 2.00
CA GLU C 106 -13.21 -18.38 3.45
C GLU C 106 -11.77 -18.53 3.90
N LYS C 107 -10.84 -18.34 2.96
CA LYS C 107 -9.40 -18.47 3.18
C LYS C 107 -8.97 -18.16 4.63
N TYR C 108 -9.55 -17.12 5.19
CA TYR C 108 -9.33 -16.64 6.55
C TYR C 108 -10.56 -17.06 7.34
N ASP C 109 -10.38 -18.04 8.25
CA ASP C 109 -11.50 -18.64 8.98
C ASP C 109 -12.45 -17.59 9.55
N GLY C 110 -13.68 -17.57 9.03
CA GLY C 110 -14.73 -16.64 9.48
C GLY C 110 -15.00 -15.47 8.54
N HIS C 111 -13.93 -14.87 8.01
CA HIS C 111 -14.02 -13.74 7.08
C HIS C 111 -14.42 -14.17 5.66
N GLN C 112 -15.64 -14.71 5.58
CA GLN C 112 -16.22 -15.13 4.32
C GLN C 112 -16.54 -13.92 3.43
N GLN C 113 -15.76 -13.77 2.38
CA GLN C 113 -15.87 -12.61 1.51
C GLN C 113 -16.15 -12.98 0.07
N PHE C 114 -17.19 -12.40 -0.49
CA PHE C 114 -17.43 -12.52 -1.93
C PHE C 114 -16.47 -11.69 -2.82
N PHE C 115 -16.21 -12.21 -4.01
CA PHE C 115 -15.31 -11.62 -4.97
C PHE C 115 -15.93 -11.70 -6.37
N ALA C 116 -16.26 -10.58 -7.00
CA ALA C 116 -16.86 -10.68 -8.34
C ALA C 116 -15.91 -10.08 -9.30
N ILE C 117 -15.68 -10.75 -10.41
CA ILE C 117 -14.75 -10.24 -11.40
C ILE C 117 -15.17 -10.71 -12.77
N VAL C 118 -14.86 -9.89 -13.77
CA VAL C 118 -15.09 -10.26 -15.15
C VAL C 118 -13.78 -10.47 -15.85
N GLN C 119 -13.75 -11.43 -16.74
CA GLN C 119 -12.53 -11.80 -17.40
C GLN C 119 -12.89 -11.95 -18.88
N LEU C 120 -12.03 -11.46 -19.79
CA LEU C 120 -12.30 -11.63 -21.22
C LEU C 120 -11.46 -12.75 -21.86
N ILE C 121 -12.06 -13.50 -22.80
CA ILE C 121 -11.41 -14.47 -23.72
C ILE C 121 -10.76 -13.73 -24.94
N GLY C 122 -9.65 -13.03 -24.62
CA GLY C 122 -8.82 -12.27 -25.53
C GLY C 122 -7.50 -11.95 -24.80
N THR C 123 -6.71 -11.06 -25.39
CA THR C 123 -5.42 -10.67 -24.85
C THR C 123 -5.64 -9.51 -23.90
N ARG C 124 -4.56 -9.04 -23.30
CA ARG C 124 -4.61 -7.80 -22.51
C ARG C 124 -4.70 -6.61 -23.41
N LYS C 125 -4.21 -6.74 -24.64
CA LYS C 125 -4.44 -5.67 -25.59
C LYS C 125 -5.93 -5.64 -25.86
N GLN C 126 -6.48 -6.77 -26.28
CA GLN C 126 -7.93 -6.85 -26.42
C GLN C 126 -8.77 -6.44 -25.21
N ALA C 127 -8.31 -6.73 -23.99
CA ALA C 127 -9.07 -6.41 -22.78
C ALA C 127 -9.28 -4.91 -22.67
N GLU C 128 -8.26 -4.15 -23.05
CA GLU C 128 -8.25 -2.68 -22.93
C GLU C 128 -9.20 -1.90 -23.82
N ASN C 129 -9.91 -2.55 -24.72
CA ASN C 129 -10.82 -1.77 -25.54
C ASN C 129 -12.20 -1.71 -24.86
N PHE C 130 -12.26 -2.32 -23.67
CA PHE C 130 -13.48 -2.57 -22.90
C PHE C 130 -13.46 -2.11 -21.48
N ALA C 131 -14.66 -2.00 -20.91
CA ALA C 131 -14.83 -1.87 -19.45
C ALA C 131 -16.15 -2.43 -18.97
N TYR C 132 -16.09 -3.16 -17.85
CA TYR C 132 -17.31 -3.63 -17.23
C TYR C 132 -17.79 -2.76 -16.09
N ARG C 133 -19.09 -2.77 -15.88
CA ARG C 133 -19.72 -2.43 -14.58
C ARG C 133 -20.42 -3.64 -13.87
N LEU C 134 -20.06 -3.95 -12.64
CA LEU C 134 -20.89 -4.92 -11.76
C LEU C 134 -21.65 -4.09 -10.77
N GLU C 135 -22.98 -4.26 -10.68
CA GLU C 135 -23.82 -3.51 -9.70
C GLU C 135 -24.48 -4.42 -8.61
N LEU C 136 -24.72 -3.87 -7.42
CA LEU C 136 -25.60 -4.53 -6.44
C LEU C 136 -26.66 -3.59 -5.91
N ASN C 137 -27.91 -4.03 -5.90
CA ASN C 137 -29.01 -3.19 -5.45
C ASN C 137 -29.69 -3.82 -4.26
N GLY C 138 -30.23 -2.95 -3.41
CA GLY C 138 -30.83 -3.32 -2.14
C GLY C 138 -31.80 -2.18 -1.85
N HIS C 139 -32.51 -2.22 -0.73
CA HIS C 139 -33.39 -1.13 -0.44
C HIS C 139 -32.50 0.08 -0.24
N ARG C 140 -32.73 1.13 -1.05
CA ARG C 140 -32.09 2.41 -0.85
C ARG C 140 -30.61 2.26 -0.56
N ARG C 141 -29.93 1.45 -1.39
CA ARG C 141 -28.49 1.35 -1.31
C ARG C 141 -27.96 0.69 -2.57
N ARG C 142 -26.75 1.07 -2.98
CA ARG C 142 -26.16 0.59 -4.22
C ARG C 142 -24.67 0.58 -4.03
N LEU C 143 -24.03 -0.40 -4.68
CA LEU C 143 -22.59 -0.59 -4.65
C LEU C 143 -22.16 -1.13 -5.98
N THR C 144 -21.18 -0.44 -6.55
CA THR C 144 -20.96 -0.46 -7.97
C THR C 144 -19.49 -0.55 -8.22
N TRP C 145 -19.09 -1.45 -9.11
CA TRP C 145 -17.67 -1.45 -9.44
C TRP C 145 -17.32 -1.50 -10.93
N GLU C 146 -16.79 -0.40 -11.42
CA GLU C 146 -16.26 -0.54 -12.71
C GLU C 146 -14.81 -0.96 -12.52
N ALA C 147 -14.29 -1.53 -13.59
CA ALA C 147 -12.87 -1.77 -13.80
C ALA C 147 -12.68 -2.30 -15.26
N THR C 148 -11.47 -2.68 -15.66
CA THR C 148 -11.40 -3.29 -17.01
C THR C 148 -11.18 -4.82 -16.97
N PRO C 149 -11.87 -5.54 -17.87
CA PRO C 149 -11.91 -6.98 -17.85
C PRO C 149 -10.52 -7.58 -17.79
N ARG C 150 -10.15 -8.15 -16.65
CA ARG C 150 -8.98 -9.01 -16.54
C ARG C 150 -8.90 -9.90 -17.75
N SER C 151 -7.71 -10.33 -18.14
CA SER C 151 -7.59 -11.27 -19.24
C SER C 151 -7.26 -12.71 -18.73
N ILE C 152 -7.78 -13.72 -19.44
CA ILE C 152 -7.46 -15.10 -19.19
C ILE C 152 -6.01 -15.24 -18.83
N HIS C 153 -5.12 -14.67 -19.63
CA HIS C 153 -3.72 -14.94 -19.43
C HIS C 153 -3.32 -14.51 -18.03
N GLU C 154 -3.59 -13.24 -17.72
CA GLU C 154 -3.33 -12.70 -16.40
C GLU C 154 -3.95 -13.53 -15.29
N GLY C 155 -5.02 -14.26 -15.58
CA GLY C 155 -5.69 -15.02 -14.55
C GLY C 155 -6.52 -14.14 -13.64
N ILE C 156 -7.00 -14.71 -12.55
CA ILE C 156 -7.84 -13.97 -11.61
C ILE C 156 -7.53 -14.27 -10.15
N ALA C 157 -6.63 -15.21 -9.89
CA ALA C 157 -6.29 -15.56 -8.51
C ALA C 157 -5.61 -14.38 -7.82
N THR C 158 -4.66 -13.77 -8.51
CA THR C 158 -3.96 -12.57 -8.04
C THR C 158 -4.87 -11.36 -8.03
N ALA C 159 -5.63 -11.22 -9.10
CA ALA C 159 -6.67 -10.21 -9.11
C ALA C 159 -7.47 -10.36 -7.80
N ILE C 160 -7.93 -11.58 -7.51
CA ILE C 160 -8.64 -11.86 -6.24
C ILE C 160 -7.80 -11.64 -4.99
N MET C 161 -6.52 -12.00 -5.07
CA MET C 161 -5.62 -11.79 -3.95
C MET C 161 -5.42 -10.32 -3.60
N ASN C 162 -5.24 -9.52 -4.64
CA ASN C 162 -5.00 -8.10 -4.52
C ASN C 162 -6.25 -7.30 -4.20
N SER C 163 -7.40 -7.98 -4.14
CA SER C 163 -8.70 -7.31 -4.02
C SER C 163 -8.94 -6.36 -5.20
N ASP C 164 -8.30 -6.61 -6.33
CA ASP C 164 -8.65 -5.91 -7.53
C ASP C 164 -9.95 -6.53 -8.12
N CYS C 165 -11.03 -6.38 -7.37
CA CYS C 165 -12.35 -6.78 -7.83
C CYS C 165 -13.39 -6.14 -6.95
N LEU C 166 -14.65 -6.32 -7.31
CA LEU C 166 -15.68 -5.96 -6.34
C LEU C 166 -15.84 -7.03 -5.12
N VAL C 167 -15.84 -6.55 -3.89
CA VAL C 167 -15.67 -7.46 -2.83
C VAL C 167 -16.56 -7.08 -1.63
N PHE C 168 -17.20 -8.10 -1.04
CA PHE C 168 -18.20 -7.80 -0.01
C PHE C 168 -18.42 -8.95 0.93
N ASP C 169 -18.84 -8.62 2.14
CA ASP C 169 -19.05 -9.61 3.20
C ASP C 169 -20.43 -10.22 3.11
N THR C 170 -20.56 -11.44 3.62
CA THR C 170 -21.88 -12.07 3.78
C THR C 170 -22.89 -11.11 4.45
N SER C 171 -22.45 -10.37 5.45
CA SER C 171 -23.34 -9.40 6.07
C SER C 171 -24.00 -8.46 5.03
N ILE C 172 -23.16 -7.87 4.17
CA ILE C 172 -23.58 -7.00 3.08
C ILE C 172 -24.54 -7.74 2.14
N ALA C 173 -24.14 -8.94 1.71
CA ALA C 173 -24.87 -9.61 0.64
C ALA C 173 -26.31 -9.80 1.05
N GLN C 174 -26.53 -9.97 2.36
CA GLN C 174 -27.85 -10.18 2.94
C GLN C 174 -28.79 -9.06 2.58
N LEU C 175 -28.28 -7.86 2.72
CA LEU C 175 -28.97 -6.65 2.31
C LEU C 175 -29.16 -6.49 0.78
N PHE C 176 -28.36 -7.20 -0.01
CA PHE C 176 -28.58 -7.24 -1.45
C PHE C 176 -29.25 -8.48 -1.99
N ALA C 177 -29.40 -9.52 -1.20
CA ALA C 177 -29.93 -10.75 -1.77
C ALA C 177 -31.39 -10.91 -1.43
N GLU C 178 -32.19 -11.24 -2.44
CA GLU C 178 -33.58 -11.58 -2.24
C GLU C 178 -33.75 -13.07 -2.49
N ASN C 179 -34.21 -13.76 -1.44
CA ASN C 179 -34.34 -15.21 -1.43
C ASN C 179 -33.01 -15.83 -1.71
N GLY C 180 -32.05 -15.68 -0.82
CA GLY C 180 -30.77 -16.41 -0.95
C GLY C 180 -30.15 -16.38 -2.33
N ASN C 181 -30.62 -15.44 -3.15
CA ASN C 181 -30.12 -15.17 -4.51
C ASN C 181 -29.72 -13.72 -4.69
N LEU C 182 -28.45 -13.50 -5.06
CA LEU C 182 -27.86 -12.17 -5.23
C LEU C 182 -27.88 -11.86 -6.67
N GLY C 183 -28.75 -10.92 -7.02
CA GLY C 183 -28.77 -10.37 -8.37
C GLY C 183 -27.62 -9.42 -8.50
N ILE C 184 -26.92 -9.58 -9.62
CA ILE C 184 -25.94 -8.56 -10.01
C ILE C 184 -26.27 -8.02 -11.35
N ASN C 185 -26.28 -6.71 -11.50
CA ASN C 185 -26.26 -6.20 -12.89
C ASN C 185 -24.86 -6.21 -13.40
N VAL C 186 -24.72 -6.76 -14.59
CA VAL C 186 -23.48 -6.60 -15.35
C VAL C 186 -23.63 -5.83 -16.68
N THR C 187 -22.75 -4.87 -16.91
CA THR C 187 -22.84 -4.04 -18.11
C THR C 187 -21.49 -3.86 -18.75
N ILE C 188 -21.45 -4.20 -20.03
CA ILE C 188 -20.19 -4.10 -20.77
C ILE C 188 -20.30 -3.09 -21.89
N SER C 189 -19.28 -2.24 -21.99
CA SER C 189 -19.24 -1.27 -23.10
C SER C 189 -17.87 -1.14 -23.75
N MET C 190 -17.86 -0.52 -24.94
CA MET C 190 -16.63 -0.17 -25.70
C MET C 190 -16.04 1.15 -25.21
N CYS C 191 -14.72 1.25 -25.17
CA CYS C 191 -14.13 2.53 -24.86
C CYS C 191 -12.87 2.88 -25.70
N ASN D 1 -55.48 -7.24 26.47
CA ASN D 1 -55.30 -8.14 27.64
C ASN D 1 -53.81 -8.44 27.96
N SER D 2 -52.92 -7.57 27.50
CA SER D 2 -51.48 -7.71 27.78
C SER D 2 -50.96 -6.58 28.68
N VAL D 3 -50.22 -6.96 29.71
CA VAL D 3 -49.61 -6.02 30.68
C VAL D 3 -48.79 -4.91 29.99
N LEU D 4 -48.90 -3.66 30.47
CA LEU D 4 -48.29 -2.48 29.81
C LEU D 4 -47.40 -1.59 30.73
N PHE D 5 -46.31 -1.03 30.17
CA PHE D 5 -45.40 -0.13 30.89
C PHE D 5 -45.01 1.05 29.98
N PRO D 6 -44.55 2.19 30.56
CA PRO D 6 -44.09 3.37 29.76
C PRO D 6 -42.60 3.38 29.35
N CYS D 7 -42.16 4.46 28.67
CA CYS D 7 -40.78 4.58 28.12
C CYS D 7 -39.81 5.27 29.08
N LYS D 8 -38.58 4.78 29.12
CA LYS D 8 -37.53 5.32 30.01
C LYS D 8 -37.23 6.80 29.78
N TYR D 9 -37.52 7.29 28.57
CA TYR D 9 -37.34 8.70 28.25
C TYR D 9 -38.63 9.50 28.47
N ALA D 10 -39.52 8.97 29.32
CA ALA D 10 -40.71 9.72 29.74
C ALA D 10 -40.34 10.83 30.71
N SER D 11 -39.19 10.68 31.37
CA SER D 11 -38.59 11.72 32.22
C SER D 11 -38.25 12.97 31.40
N SER D 12 -37.72 12.74 30.19
CA SER D 12 -37.32 13.80 29.28
C SER D 12 -38.47 14.29 28.40
N GLY D 13 -39.67 13.76 28.64
CA GLY D 13 -40.90 14.22 28.00
C GLY D 13 -41.50 13.31 26.95
N CYS D 14 -41.53 11.99 27.23
CA CYS D 14 -42.13 10.98 26.32
C CYS D 14 -43.50 10.51 26.84
N GLU D 15 -44.37 10.07 25.94
CA GLU D 15 -45.77 9.80 26.30
C GLU D 15 -46.29 8.39 26.00
N ILE D 16 -45.67 7.72 25.04
CA ILE D 16 -46.15 6.41 24.57
C ILE D 16 -45.82 5.31 25.60
N THR D 17 -46.79 4.41 25.81
CA THR D 17 -46.65 3.29 26.74
C THR D 17 -47.03 1.98 26.04
N LEU D 18 -46.09 1.03 26.01
CA LEU D 18 -46.23 -0.24 25.27
C LEU D 18 -45.76 -1.46 26.12
N PRO D 19 -46.17 -2.70 25.76
CA PRO D 19 -45.81 -3.90 26.55
C PRO D 19 -44.32 -4.27 26.59
N HIS D 20 -43.94 -5.12 27.55
CA HIS D 20 -42.54 -5.47 27.81
C HIS D 20 -41.86 -6.27 26.72
N THR D 21 -42.55 -7.29 26.21
CA THR D 21 -42.00 -8.14 25.15
C THR D 21 -41.86 -7.32 23.85
N GLU D 22 -41.91 -6.00 24.02
CA GLU D 22 -41.86 -5.04 22.92
C GLU D 22 -41.16 -3.78 23.44
N LYS D 23 -40.40 -3.94 24.51
CA LYS D 23 -39.94 -2.81 25.34
C LYS D 23 -38.75 -2.04 24.76
N ALA D 24 -37.56 -2.66 24.78
CA ALA D 24 -36.31 -1.98 24.39
C ALA D 24 -36.31 -1.58 22.91
N GLU D 25 -37.41 -1.90 22.22
CA GLU D 25 -37.62 -1.56 20.82
C GLU D 25 -37.75 -0.03 20.65
N HIS D 26 -38.82 0.55 21.19
CA HIS D 26 -39.10 2.00 21.15
C HIS D 26 -37.94 2.81 21.75
N GLU D 27 -37.62 2.52 23.01
CA GLU D 27 -36.64 3.29 23.81
C GLU D 27 -35.35 3.61 23.06
N GLU D 28 -34.82 2.59 22.38
CA GLU D 28 -33.70 2.75 21.46
C GLU D 28 -34.10 3.76 20.38
N LEU D 29 -35.01 3.32 19.51
CA LEU D 29 -35.37 4.05 18.30
C LEU D 29 -36.32 5.24 18.56
N CYS D 30 -36.26 5.77 19.78
CA CYS D 30 -37.16 6.84 20.24
C CYS D 30 -36.62 8.22 19.89
N GLU D 31 -37.53 9.16 19.66
CA GLU D 31 -37.17 10.55 19.36
C GLU D 31 -37.23 11.42 20.61
N PHE D 32 -36.77 10.86 21.73
CA PHE D 32 -36.66 11.59 23.01
C PHE D 32 -35.37 11.23 23.76
N ARG D 33 -34.54 10.39 23.13
CA ARG D 33 -33.26 9.95 23.66
C ARG D 33 -32.14 10.93 23.31
N PRO D 34 -31.67 11.71 24.30
CA PRO D 34 -30.62 12.68 23.99
C PRO D 34 -29.39 12.06 23.29
N TYR D 35 -28.88 12.80 22.31
CA TYR D 35 -27.80 12.37 21.41
C TYR D 35 -26.44 12.30 22.13
N SER D 36 -25.69 11.23 21.87
CA SER D 36 -24.27 11.20 22.29
C SER D 36 -23.40 11.99 21.28
N CYS D 37 -22.10 12.09 21.54
CA CYS D 37 -21.24 12.85 20.63
C CYS D 37 -21.04 12.03 19.36
N PRO D 38 -21.38 12.63 18.20
CA PRO D 38 -21.38 11.96 16.90
C PRO D 38 -19.94 11.63 16.53
N CYS D 39 -19.04 12.49 16.98
CA CYS D 39 -17.63 12.24 16.92
C CYS D 39 -17.33 10.81 17.35
N PRO D 40 -16.44 10.11 16.61
CA PRO D 40 -15.99 8.75 16.90
C PRO D 40 -15.96 8.42 18.41
N GLY D 41 -17.11 7.92 18.91
CA GLY D 41 -17.47 7.93 20.35
C GLY D 41 -16.62 7.30 21.45
N ALA D 42 -15.40 6.89 21.14
CA ALA D 42 -14.52 6.26 22.12
C ALA D 42 -13.67 7.22 22.98
N SER D 43 -13.79 8.53 22.76
CA SER D 43 -12.95 9.49 23.48
C SER D 43 -13.73 10.61 24.18
N CYS D 44 -14.87 10.95 23.65
CA CYS D 44 -15.59 12.13 24.09
C CYS D 44 -17.00 11.67 24.41
N LYS D 45 -17.59 12.22 25.48
CA LYS D 45 -18.87 11.66 25.91
C LYS D 45 -19.92 12.68 26.33
N TRP D 46 -20.06 13.72 25.51
CA TRP D 46 -21.13 14.73 25.69
C TRP D 46 -22.54 14.08 25.59
N GLN D 47 -23.59 14.82 26.00
CA GLN D 47 -24.99 14.42 25.73
C GLN D 47 -25.91 15.66 25.68
N GLY D 48 -26.96 15.63 24.85
CA GLY D 48 -27.87 16.79 24.75
C GLY D 48 -28.92 16.86 23.64
N SER D 49 -29.54 18.04 23.51
CA SER D 49 -30.56 18.29 22.46
C SER D 49 -29.90 18.51 21.11
N LEU D 50 -30.67 18.27 20.04
CA LEU D 50 -30.16 18.41 18.69
C LEU D 50 -29.66 19.84 18.41
N ASP D 51 -30.44 20.84 18.82
CA ASP D 51 -29.98 22.24 18.85
C ASP D 51 -28.60 22.37 19.52
N ALA D 52 -28.29 21.46 20.45
CA ALA D 52 -27.09 21.54 21.28
C ALA D 52 -25.87 20.83 20.68
N VAL D 53 -26.09 20.12 19.57
CA VAL D 53 -25.04 19.28 19.04
C VAL D 53 -23.99 20.09 18.27
N MET D 54 -24.41 20.77 17.20
CA MET D 54 -23.49 21.62 16.47
C MET D 54 -22.61 22.48 17.40
N PRO D 55 -23.23 23.21 18.36
CA PRO D 55 -22.39 24.14 19.12
C PRO D 55 -21.27 23.39 19.79
N HIS D 56 -21.66 22.28 20.42
CA HIS D 56 -20.76 21.43 21.19
C HIS D 56 -19.51 21.11 20.38
N LEU D 57 -19.73 20.57 19.18
CA LEU D 57 -18.68 20.23 18.21
C LEU D 57 -17.74 21.42 18.00
N MET D 58 -18.32 22.55 17.60
CA MET D 58 -17.55 23.76 17.29
C MET D 58 -16.60 24.20 18.41
N HIS D 59 -16.98 23.95 19.66
CA HIS D 59 -16.12 24.32 20.80
C HIS D 59 -15.10 23.31 21.30
N GLN D 60 -15.56 22.14 21.73
CA GLN D 60 -14.68 21.15 22.37
C GLN D 60 -13.80 20.35 21.40
N HIS D 61 -14.14 20.37 20.10
CA HIS D 61 -13.43 19.55 19.09
C HIS D 61 -12.96 20.37 17.86
N LYS D 62 -12.58 21.63 18.07
CA LYS D 62 -12.50 22.61 16.97
C LYS D 62 -11.56 22.26 15.81
N SER D 63 -10.67 21.29 16.02
CA SER D 63 -9.71 20.89 15.00
C SER D 63 -10.33 20.17 13.78
N ILE D 64 -11.66 20.15 13.74
CA ILE D 64 -12.46 19.41 12.72
C ILE D 64 -12.89 20.25 11.51
N THR D 65 -12.42 19.85 10.32
CA THR D 65 -12.65 20.67 9.13
C THR D 65 -14.11 20.70 8.81
N THR D 66 -14.58 21.87 8.39
CA THR D 66 -15.84 21.97 7.70
C THR D 66 -15.55 22.32 6.28
N LEU D 67 -16.56 22.11 5.45
CA LEU D 67 -16.52 22.43 4.04
C LEU D 67 -17.94 22.48 3.52
N GLN D 68 -18.19 23.38 2.59
CA GLN D 68 -19.53 23.49 2.08
C GLN D 68 -19.66 23.37 0.57
N GLY D 69 -20.84 22.92 0.14
CA GLY D 69 -21.13 22.61 -1.22
C GLY D 69 -21.70 21.22 -1.38
N GLU D 70 -22.46 21.03 -2.44
CA GLU D 70 -23.06 19.76 -2.78
C GLU D 70 -22.15 18.53 -2.97
N ASP D 71 -20.89 18.73 -3.31
CA ASP D 71 -19.99 17.60 -3.55
C ASP D 71 -18.51 17.97 -3.46
N ILE D 72 -17.89 17.34 -2.49
CA ILE D 72 -16.63 17.68 -2.00
C ILE D 72 -15.71 16.53 -2.25
N VAL D 73 -14.42 16.77 -2.00
CA VAL D 73 -13.48 15.70 -2.04
C VAL D 73 -12.98 15.68 -0.64
N PHE D 74 -13.31 14.59 0.02
CA PHE D 74 -12.81 14.33 1.34
C PHE D 74 -11.53 13.67 0.91
N LEU D 75 -10.39 14.22 1.34
CA LEU D 75 -9.09 13.73 0.92
C LEU D 75 -8.39 13.31 2.18
N ALA D 76 -8.17 12.02 2.30
CA ALA D 76 -7.80 11.44 3.59
C ALA D 76 -6.31 11.08 3.65
N THR D 77 -5.55 11.85 4.44
CA THR D 77 -4.06 11.86 4.35
C THR D 77 -3.39 10.63 4.93
N ASP D 78 -2.34 10.19 4.24
CA ASP D 78 -1.44 9.14 4.74
C ASP D 78 -2.27 7.95 5.22
N ILE D 79 -2.84 7.22 4.27
CA ILE D 79 -3.71 6.08 4.63
C ILE D 79 -2.89 4.94 5.22
N ASN D 80 -1.68 4.74 4.67
CA ASN D 80 -0.80 3.64 5.06
C ASN D 80 -0.41 3.61 6.55
N LEU D 81 -0.85 4.59 7.31
CA LEU D 81 -0.51 4.68 8.72
C LEU D 81 -0.92 3.44 9.53
N PRO D 82 0.05 2.63 10.03
CA PRO D 82 -0.32 1.40 10.78
C PRO D 82 -1.23 1.60 12.03
N GLY D 83 -2.10 0.62 12.28
CA GLY D 83 -3.00 0.65 13.43
C GLY D 83 -4.33 1.37 13.25
N ALA D 84 -5.14 1.42 14.30
CA ALA D 84 -6.46 2.05 14.25
C ALA D 84 -6.39 3.55 13.99
N VAL D 85 -6.42 3.92 12.71
CA VAL D 85 -6.51 5.33 12.28
C VAL D 85 -8.00 5.75 12.12
N ASP D 86 -8.30 7.04 12.25
CA ASP D 86 -9.62 7.60 11.97
C ASP D 86 -9.44 8.92 11.23
N TRP D 87 -10.31 9.20 10.25
CA TRP D 87 -10.40 10.54 9.69
C TRP D 87 -11.83 11.04 9.92
N VAL D 88 -11.99 12.32 10.24
CA VAL D 88 -13.34 12.95 10.34
C VAL D 88 -13.40 14.34 9.65
N MET D 89 -14.57 14.70 9.12
CA MET D 89 -14.75 15.98 8.42
C MET D 89 -16.20 16.42 8.44
N MET D 90 -16.43 17.68 8.04
CA MET D 90 -17.78 18.23 8.02
C MET D 90 -18.18 18.71 6.64
N GLN D 91 -19.46 18.50 6.29
CA GLN D 91 -19.99 18.91 4.99
C GLN D 91 -21.34 19.57 5.10
N SER D 92 -21.30 20.89 5.23
CA SER D 92 -22.51 21.66 5.28
C SER D 92 -23.00 21.85 3.86
N CYS D 93 -24.30 21.59 3.73
CA CYS D 93 -25.01 21.93 2.54
C CYS D 93 -26.48 21.68 2.87
N PHE D 94 -27.37 22.35 2.13
CA PHE D 94 -28.78 22.01 2.16
C PHE D 94 -29.53 22.48 3.38
N GLY D 95 -28.87 23.30 4.18
CA GLY D 95 -29.44 23.71 5.45
C GLY D 95 -28.74 22.97 6.57
N PHE D 96 -28.27 21.76 6.26
CA PHE D 96 -27.81 20.84 7.28
C PHE D 96 -26.30 20.67 7.28
N HIS D 97 -25.80 19.99 8.30
CA HIS D 97 -24.40 19.63 8.29
C HIS D 97 -24.27 18.13 8.36
N PHE D 98 -23.21 17.58 7.77
CA PHE D 98 -23.14 16.16 7.50
C PHE D 98 -21.77 15.64 7.89
N MET D 99 -21.76 14.62 8.77
CA MET D 99 -20.52 14.20 9.40
C MET D 99 -20.07 12.98 8.66
N LEU D 100 -18.82 13.00 8.18
CA LEU D 100 -18.31 12.04 7.21
C LEU D 100 -16.94 11.59 7.65
N VAL D 101 -16.70 10.28 7.56
CA VAL D 101 -16.03 9.55 8.65
C VAL D 101 -15.37 8.39 8.01
N LEU D 102 -14.09 8.23 8.21
CA LEU D 102 -13.38 7.22 7.45
C LEU D 102 -12.46 6.50 8.42
N GLU D 103 -12.89 5.31 8.80
CA GLU D 103 -12.36 4.76 10.00
C GLU D 103 -11.78 3.43 9.61
N LYS D 104 -10.46 3.35 9.68
CA LYS D 104 -9.76 2.10 9.40
C LYS D 104 -9.81 1.22 10.64
N GLN D 105 -10.84 0.39 10.76
CA GLN D 105 -10.95 -0.50 11.87
C GLN D 105 -10.71 -1.91 11.35
N GLU D 106 -9.60 -2.51 11.78
CA GLU D 106 -9.30 -3.92 11.52
C GLU D 106 -10.35 -4.82 12.24
N LYS D 107 -11.33 -5.30 11.46
CA LYS D 107 -12.55 -5.95 12.00
C LYS D 107 -12.33 -7.36 12.56
N TYR D 108 -11.38 -8.09 11.97
CA TYR D 108 -10.85 -9.32 12.56
C TYR D 108 -9.32 -9.28 12.39
N ASP D 109 -8.59 -9.92 13.30
CA ASP D 109 -7.11 -9.93 13.28
C ASP D 109 -6.57 -10.48 11.97
N GLY D 110 -5.65 -9.74 11.36
CA GLY D 110 -5.09 -10.12 10.08
C GLY D 110 -5.71 -9.40 8.91
N HIS D 111 -6.85 -8.71 9.12
CA HIS D 111 -7.44 -7.93 8.03
C HIS D 111 -7.79 -6.49 8.41
N GLN D 112 -7.14 -5.56 7.73
CA GLN D 112 -7.45 -4.14 7.87
C GLN D 112 -8.33 -3.60 6.73
N GLN D 113 -9.62 -3.41 7.02
CA GLN D 113 -10.55 -2.87 6.06
C GLN D 113 -10.90 -1.47 6.46
N PHE D 114 -11.33 -0.69 5.48
CA PHE D 114 -11.70 0.70 5.65
C PHE D 114 -13.25 0.85 5.77
N PHE D 115 -13.72 1.94 6.35
CA PHE D 115 -15.14 1.99 6.62
C PHE D 115 -15.67 3.39 6.49
N ALA D 116 -15.72 3.91 5.28
CA ALA D 116 -16.25 5.26 5.08
C ALA D 116 -17.78 5.26 5.05
N ILE D 117 -18.38 6.25 5.70
CA ILE D 117 -19.84 6.39 5.73
C ILE D 117 -20.22 7.86 6.02
N VAL D 118 -21.48 8.25 5.80
CA VAL D 118 -21.90 9.65 5.99
C VAL D 118 -23.10 9.78 6.92
N GLN D 119 -23.06 10.73 7.83
CA GLN D 119 -24.23 10.94 8.69
C GLN D 119 -24.60 12.37 8.93
N LEU D 120 -25.91 12.51 9.07
CA LEU D 120 -26.62 13.77 9.13
C LEU D 120 -26.92 14.14 10.56
N ILE D 121 -26.36 15.28 10.94
CA ILE D 121 -26.60 15.92 12.22
C ILE D 121 -28.05 16.39 12.23
N GLY D 122 -28.99 15.44 12.28
CA GLY D 122 -30.42 15.72 12.29
C GLY D 122 -31.24 14.51 12.76
N THR D 123 -32.56 14.61 12.71
CA THR D 123 -33.39 13.52 13.21
C THR D 123 -33.51 12.49 12.12
N ARG D 124 -33.94 11.30 12.52
CA ARG D 124 -34.09 10.21 11.57
C ARG D 124 -35.20 10.51 10.56
N LYS D 125 -36.25 11.20 10.97
CA LYS D 125 -37.22 11.61 9.97
C LYS D 125 -36.54 12.46 8.90
N GLN D 126 -35.69 13.38 9.35
CA GLN D 126 -34.99 14.33 8.50
C GLN D 126 -34.09 13.67 7.45
N ALA D 127 -33.23 12.76 7.93
CA ALA D 127 -32.24 12.09 7.09
C ALA D 127 -32.86 11.28 5.94
N GLU D 128 -34.11 10.88 6.10
CA GLU D 128 -34.74 10.06 5.11
C GLU D 128 -34.76 10.78 3.78
N ASN D 129 -34.86 12.10 3.83
CA ASN D 129 -34.93 12.96 2.64
C ASN D 129 -33.64 13.12 1.86
N PHE D 130 -32.58 12.45 2.27
CA PHE D 130 -31.26 12.69 1.68
C PHE D 130 -30.70 11.40 1.14
N ALA D 131 -29.47 11.47 0.61
CA ALA D 131 -28.83 10.33 -0.01
C ALA D 131 -27.43 10.80 -0.35
N TYR D 132 -26.44 9.92 -0.22
CA TYR D 132 -25.06 10.29 -0.37
C TYR D 132 -24.34 9.28 -1.22
N ARG D 133 -23.16 9.62 -1.71
CA ARG D 133 -22.42 8.74 -2.57
C ARG D 133 -20.98 9.00 -2.37
N LEU D 134 -20.29 8.13 -1.64
CA LEU D 134 -18.86 8.20 -1.49
C LEU D 134 -18.33 7.48 -2.74
N GLU D 135 -17.12 7.81 -3.19
CA GLU D 135 -16.62 7.35 -4.49
C GLU D 135 -15.13 7.46 -4.63
N LEU D 136 -14.53 6.42 -5.19
CA LEU D 136 -13.09 6.27 -5.28
C LEU D 136 -12.70 6.05 -6.72
N ASN D 137 -11.55 6.58 -7.11
CA ASN D 137 -11.09 6.46 -8.48
C ASN D 137 -9.61 6.12 -8.46
N GLY D 138 -9.21 5.22 -9.35
CA GLY D 138 -7.82 4.84 -9.53
C GLY D 138 -7.62 4.70 -11.03
N HIS D 139 -6.52 4.07 -11.44
CA HIS D 139 -6.28 4.02 -12.88
C HIS D 139 -7.26 3.05 -13.58
N ARG D 140 -8.27 3.62 -14.25
CA ARG D 140 -9.31 2.78 -14.90
C ARG D 140 -9.82 1.76 -13.83
N ARG D 141 -10.51 2.31 -12.85
CA ARG D 141 -11.04 1.59 -11.75
C ARG D 141 -11.90 2.61 -11.07
N ARG D 142 -13.13 2.22 -10.71
CA ARG D 142 -13.88 2.97 -9.70
C ARG D 142 -14.75 2.09 -8.83
N LEU D 143 -14.89 2.48 -7.56
CA LEU D 143 -15.73 1.79 -6.61
C LEU D 143 -16.64 2.79 -5.99
N THR D 144 -17.94 2.73 -6.29
CA THR D 144 -18.93 3.74 -5.83
C THR D 144 -19.92 3.10 -4.87
N TRP D 145 -20.26 3.81 -3.80
CA TRP D 145 -21.23 3.35 -2.89
C TRP D 145 -22.23 4.43 -2.61
N GLU D 146 -23.50 4.22 -2.94
CA GLU D 146 -24.63 5.19 -2.59
C GLU D 146 -25.65 4.55 -1.61
N ALA D 147 -26.44 5.36 -0.94
CA ALA D 147 -27.27 4.95 0.20
C ALA D 147 -27.81 6.16 0.97
N THR D 148 -28.94 6.01 1.67
CA THR D 148 -29.39 7.06 2.62
C THR D 148 -28.41 7.18 3.83
N PRO D 149 -28.23 8.40 4.36
CA PRO D 149 -27.22 8.58 5.40
C PRO D 149 -27.72 8.30 6.83
N ARG D 150 -26.89 7.71 7.68
CA ARG D 150 -27.32 7.44 9.07
C ARG D 150 -27.65 8.72 9.84
N SER D 151 -28.64 8.65 10.74
CA SER D 151 -28.94 9.78 11.62
C SER D 151 -28.01 9.70 12.82
N ILE D 152 -27.31 10.79 13.11
CA ILE D 152 -26.41 10.80 14.27
C ILE D 152 -27.04 10.10 15.49
N HIS D 153 -28.36 10.28 15.65
CA HIS D 153 -29.19 9.59 16.64
C HIS D 153 -28.95 8.08 16.67
N GLU D 154 -29.13 7.44 15.51
CA GLU D 154 -28.98 5.99 15.36
C GLU D 154 -27.55 5.58 15.72
N GLY D 155 -26.62 6.52 15.60
CA GLY D 155 -25.23 6.18 15.77
C GLY D 155 -24.92 5.26 14.61
N ILE D 156 -23.67 4.93 14.44
CA ILE D 156 -23.29 4.30 13.19
C ILE D 156 -22.38 3.11 13.41
N ALA D 157 -21.86 2.98 14.63
CA ALA D 157 -21.03 1.83 15.03
C ALA D 157 -21.72 0.52 14.63
N THR D 158 -23.02 0.46 14.91
CA THR D 158 -23.83 -0.69 14.52
C THR D 158 -23.82 -0.94 13.00
N ALA D 159 -24.14 0.10 12.23
CA ALA D 159 -24.06 0.06 10.76
C ALA D 159 -22.69 -0.40 10.21
N ILE D 160 -21.60 0.10 10.82
CA ILE D 160 -20.26 -0.33 10.48
C ILE D 160 -20.08 -1.80 10.70
N MET D 161 -20.86 -2.32 11.66
CA MET D 161 -20.78 -3.71 12.06
C MET D 161 -21.36 -4.64 11.00
N ASN D 162 -22.63 -4.46 10.64
CA ASN D 162 -23.23 -5.15 9.47
C ASN D 162 -22.51 -4.81 8.14
N SER D 163 -21.54 -3.89 8.17
CA SER D 163 -20.82 -3.40 6.99
C SER D 163 -21.73 -2.76 5.91
N ASP D 164 -22.63 -1.91 6.38
CA ASP D 164 -23.65 -1.30 5.57
C ASP D 164 -23.19 0.11 5.32
N CYS D 165 -22.21 0.24 4.39
CA CYS D 165 -21.36 1.44 4.23
C CYS D 165 -20.07 1.09 3.47
N LEU D 166 -19.46 2.10 2.86
CA LEU D 166 -18.43 1.73 1.87
C LEU D 166 -17.30 1.05 2.62
N VAL D 167 -16.87 -0.10 2.14
CA VAL D 167 -15.78 -0.86 2.81
C VAL D 167 -14.83 -1.37 1.77
N PHE D 168 -13.55 -1.36 2.09
CA PHE D 168 -12.62 -1.93 1.14
C PHE D 168 -11.34 -2.34 1.89
N ASP D 169 -10.75 -3.41 1.38
CA ASP D 169 -9.42 -3.87 1.81
C ASP D 169 -8.33 -2.82 1.55
N THR D 170 -7.56 -2.60 2.61
CA THR D 170 -6.23 -1.97 2.54
C THR D 170 -5.58 -2.16 1.16
N SER D 171 -5.68 -3.35 0.62
CA SER D 171 -5.05 -3.64 -0.67
C SER D 171 -5.59 -2.76 -1.78
N ILE D 172 -6.89 -2.49 -1.75
CA ILE D 172 -7.55 -1.73 -2.81
C ILE D 172 -7.16 -0.28 -2.72
N ALA D 173 -6.92 0.18 -1.50
CA ALA D 173 -6.76 1.60 -1.28
C ALA D 173 -5.68 2.04 -2.23
N GLN D 174 -4.58 1.30 -2.20
CA GLN D 174 -3.47 1.60 -3.05
C GLN D 174 -3.95 1.82 -4.44
N LEU D 175 -4.97 1.08 -4.85
CA LEU D 175 -5.36 1.16 -6.24
C LEU D 175 -5.87 2.54 -6.55
N PHE D 176 -6.53 3.12 -5.56
CA PHE D 176 -7.13 4.44 -5.67
C PHE D 176 -6.19 5.51 -5.13
N ALA D 177 -5.84 5.37 -3.86
CA ALA D 177 -4.91 6.26 -3.13
C ALA D 177 -3.80 6.80 -4.01
N GLU D 178 -3.56 8.10 -3.96
CA GLU D 178 -2.47 8.66 -4.75
C GLU D 178 -1.47 9.26 -3.78
N ASN D 179 -0.22 8.79 -3.85
CA ASN D 179 0.83 9.23 -2.92
C ASN D 179 0.30 9.17 -1.49
N GLY D 180 0.14 7.95 -0.98
CA GLY D 180 -0.23 7.71 0.42
C GLY D 180 -1.43 8.49 0.92
N ASN D 181 -2.20 9.07 -0.02
CA ASN D 181 -3.36 9.93 0.26
C ASN D 181 -4.58 9.55 -0.57
N LEU D 182 -5.76 9.49 0.07
CA LEU D 182 -6.97 8.94 -0.62
C LEU D 182 -8.05 9.98 -0.92
N GLY D 183 -8.44 10.07 -2.19
CA GLY D 183 -9.50 10.99 -2.51
C GLY D 183 -10.86 10.31 -2.59
N ILE D 184 -11.78 10.73 -1.74
CA ILE D 184 -13.11 10.22 -1.81
C ILE D 184 -14.00 11.34 -2.29
N ASN D 185 -14.74 11.08 -3.37
CA ASN D 185 -15.66 12.07 -3.86
C ASN D 185 -17.01 11.87 -3.24
N VAL D 186 -17.39 12.83 -2.43
CA VAL D 186 -18.62 12.62 -1.72
C VAL D 186 -19.61 13.59 -2.24
N THR D 187 -20.66 13.08 -2.88
CA THR D 187 -21.79 13.89 -3.34
C THR D 187 -23.05 13.54 -2.55
N ILE D 188 -23.66 14.57 -1.97
CA ILE D 188 -24.98 14.51 -1.33
C ILE D 188 -26.06 15.23 -2.15
N SER D 189 -27.28 14.70 -2.11
CA SER D 189 -28.38 15.27 -2.86
C SER D 189 -29.75 15.02 -2.22
N MET D 190 -30.71 15.87 -2.63
CA MET D 190 -32.06 15.90 -2.08
C MET D 190 -32.86 14.83 -2.76
N CYS D 191 -33.70 14.15 -1.99
CA CYS D 191 -34.67 13.20 -2.53
C CYS D 191 -35.98 13.20 -1.74
N LEU E 8 35.85 16.34 1.39
CA LEU E 8 35.87 16.44 2.89
C LEU E 8 35.02 17.58 3.48
N ARG E 9 34.12 17.22 4.40
CA ARG E 9 33.10 18.15 4.90
C ARG E 9 33.25 18.40 6.38
N PRO E 10 32.67 19.50 6.88
CA PRO E 10 32.61 19.79 8.32
C PRO E 10 31.90 18.70 9.05
N VAL E 11 32.26 18.50 10.30
CA VAL E 11 31.62 17.43 11.00
C VAL E 11 30.95 17.97 12.21
N ALA E 12 29.71 17.54 12.44
CA ALA E 12 29.01 17.92 13.67
C ALA E 12 28.78 16.73 14.61
N MET E 13 29.52 16.75 15.71
CA MET E 13 29.52 15.61 16.66
C MET E 13 28.38 15.83 17.56
N VAL E 14 27.27 15.14 17.34
CA VAL E 14 26.01 15.43 18.07
C VAL E 14 25.78 14.47 19.21
N ARG E 15 25.14 14.94 20.28
CA ARG E 15 24.90 14.09 21.40
C ARG E 15 23.44 13.67 21.54
N PRO E 16 23.21 12.44 22.03
CA PRO E 16 21.89 11.87 22.33
C PRO E 16 21.14 12.57 23.44
N THR E 17 19.82 12.66 23.28
CA THR E 17 18.87 13.09 24.30
C THR E 17 17.73 12.07 24.25
N VAL E 18 16.58 12.38 24.86
CA VAL E 18 15.69 11.30 25.30
C VAL E 18 14.20 11.54 25.08
N LEU F 8 17.75 3.98 -22.61
CA LEU F 8 16.49 3.40 -22.03
C LEU F 8 16.65 1.93 -21.64
N ARG F 9 16.33 1.64 -20.38
CA ARG F 9 16.56 0.34 -19.76
C ARG F 9 15.52 -0.67 -20.24
N PRO F 10 15.93 -1.95 -20.34
CA PRO F 10 15.06 -3.10 -20.56
C PRO F 10 14.24 -3.38 -19.29
N VAL F 11 13.13 -4.10 -19.46
CA VAL F 11 12.23 -4.32 -18.33
C VAL F 11 11.85 -5.76 -18.21
N ALA F 12 12.08 -6.33 -17.04
CA ALA F 12 11.59 -7.68 -16.81
C ALA F 12 10.38 -7.69 -15.89
N MET F 13 9.25 -8.19 -16.39
CA MET F 13 8.07 -8.28 -15.56
C MET F 13 8.17 -9.62 -14.92
N VAL F 14 8.51 -9.62 -13.64
CA VAL F 14 8.72 -10.88 -12.93
C VAL F 14 7.53 -11.24 -12.11
N ARG F 15 7.16 -12.51 -12.17
CA ARG F 15 6.02 -13.05 -11.45
C ARG F 15 6.46 -13.55 -10.08
N PRO F 16 5.61 -13.39 -9.06
CA PRO F 16 5.90 -13.81 -7.67
C PRO F 16 5.79 -15.32 -7.47
N THR F 17 5.91 -15.77 -6.23
CA THR F 17 5.73 -17.18 -5.88
C THR F 17 5.66 -17.31 -4.37
N VAL F 18 4.48 -17.63 -3.84
CA VAL F 18 4.35 -18.00 -2.41
C VAL F 18 4.89 -19.41 -2.24
N LEU G 8 -34.39 -4.01 -16.05
CA LEU G 8 -35.33 -4.34 -17.17
C LEU G 8 -34.59 -5.07 -18.32
N ARG G 9 -33.91 -6.17 -18.00
CA ARG G 9 -32.94 -6.86 -18.90
C ARG G 9 -32.82 -8.36 -18.58
N PRO G 10 -32.24 -9.17 -19.50
CA PRO G 10 -32.13 -10.63 -19.48
C PRO G 10 -31.36 -11.16 -18.32
N VAL G 11 -31.87 -12.25 -17.76
CA VAL G 11 -31.48 -12.69 -16.44
C VAL G 11 -31.04 -14.09 -16.53
N ALA G 12 -29.95 -14.41 -15.83
CA ALA G 12 -29.34 -15.72 -15.94
C ALA G 12 -29.02 -16.25 -14.54
N MET G 13 -29.78 -17.27 -14.11
CA MET G 13 -29.63 -17.81 -12.75
C MET G 13 -28.61 -18.89 -12.77
N VAL G 14 -27.72 -18.94 -11.78
CA VAL G 14 -26.58 -19.86 -11.85
C VAL G 14 -26.45 -20.80 -10.65
N ARG G 15 -26.41 -22.10 -10.96
CA ARG G 15 -26.03 -23.14 -10.01
C ARG G 15 -24.65 -22.84 -9.45
N PRO G 16 -24.52 -22.83 -8.11
CA PRO G 16 -23.19 -22.76 -7.52
C PRO G 16 -22.45 -24.06 -7.70
N THR G 17 -21.31 -24.20 -7.05
CA THR G 17 -20.65 -25.50 -6.84
C THR G 17 -19.64 -25.31 -5.72
N VAL G 18 -19.45 -26.33 -4.89
CA VAL G 18 -18.69 -26.16 -3.65
C VAL G 18 -17.19 -26.43 -3.83
N LEU H 8 -13.87 22.18 -11.35
CA LEU H 8 -13.52 21.95 -9.93
C LEU H 8 -14.77 21.66 -9.12
N ARG H 9 -14.59 20.65 -8.28
CA ARG H 9 -15.33 20.51 -7.06
C ARG H 9 -14.26 20.80 -6.02
N PRO H 10 -14.64 21.49 -4.95
CA PRO H 10 -13.77 21.79 -3.82
C PRO H 10 -13.34 20.55 -3.06
N VAL H 11 -12.12 20.62 -2.54
CA VAL H 11 -11.48 19.53 -1.82
C VAL H 11 -11.24 19.97 -0.38
N ALA H 12 -11.52 19.08 0.58
CA ALA H 12 -11.04 19.30 1.94
C ALA H 12 -9.85 18.43 2.05
N MET H 13 -8.85 18.85 2.84
CA MET H 13 -7.59 18.13 2.99
C MET H 13 -7.52 17.67 4.43
N VAL H 14 -8.13 16.51 4.70
CA VAL H 14 -8.34 16.03 6.06
C VAL H 14 -7.19 15.19 6.61
N ARG H 15 -6.59 15.69 7.69
CA ARG H 15 -5.48 15.03 8.39
C ARG H 15 -5.98 13.86 9.31
N PRO H 16 -5.18 12.77 9.41
CA PRO H 16 -5.52 11.57 10.21
C PRO H 16 -5.81 11.83 11.69
N THR H 17 -5.87 10.78 12.51
CA THR H 17 -6.11 10.90 13.97
C THR H 17 -6.06 9.53 14.65
N VAL H 18 -4.86 9.02 14.94
CA VAL H 18 -4.65 7.69 15.57
C VAL H 18 -5.27 7.55 16.98
#